data_4EL1
#
_entry.id   4EL1
#
_cell.length_a   160.748
_cell.length_b   34.014
_cell.length_c   156.959
_cell.angle_alpha   90.00
_cell.angle_beta   104.89
_cell.angle_gamma   90.00
#
_symmetry.space_group_name_H-M   'C 1 2 1'
#
loop_
_entity.id
_entity.type
_entity.pdbx_description
1 polymer 'Protein disulfide-isomerase'
2 water water
#
_entity_poly.entity_id   1
_entity_poly.type   'polypeptide(L)'
_entity_poly.pdbx_seq_one_letter_code
;MHHHHHHSSGLEVLFQGPGSDAPEEEDHVLVLRKSNFAEALAAHKYLLVEFYAPWCGHCKALAPEYAKAAGKLKAEGSEI
RLAKVDATEESDLAQQYGVRGYPTIKFFRNGDTASPKEYTAGREADDIVNWLKKRTGPAATTLPDGAAAESLVESSEVAV
IGFFKDVESDSAKQFLQAAEAIDDIPFGITSNSDVFSKYQLDKDGVVLFKKFDEGRNNFEGEVTKENLLDFIKHNQLPLV
IEFTEQTAPKIFGGEIKTHILLFLPKSVSDYDGKLSNFKTAAESFKGKILFIFIDSDHTDNQRILEFFGLKKEECPAVRL
ITLEEEMTKYKPESEELTAERITEFCHRFLEGKIKPHLMSQELPEDWDKQPVKVLVGKNFEDVAFDEKKNVFVEFYAPWC
GHCKQLAPIWDKLGETYKDHENIVIAKMDSTANEVEAVKVHSFPTLKFFPASADRTVIDYNGERTLDGFKKFLESGGQDG
AG
;
_entity_poly.pdbx_strand_id   A,B
#
# COMPACT_ATOMS: atom_id res chain seq x y z
N ASP A 21 -19.02 -21.29 15.43
CA ASP A 21 -18.58 -21.46 14.04
C ASP A 21 -19.53 -20.76 13.08
N ALA A 22 -20.12 -19.66 13.54
CA ALA A 22 -21.06 -18.90 12.71
C ALA A 22 -20.59 -17.46 12.53
N PRO A 23 -19.27 -17.29 12.35
CA PRO A 23 -18.69 -15.96 12.18
C PRO A 23 -18.64 -15.56 10.71
N GLU A 24 -18.70 -14.25 10.44
CA GLU A 24 -18.66 -13.75 9.07
C GLU A 24 -17.42 -14.28 8.34
N GLU A 25 -17.63 -14.75 7.13
CA GLU A 25 -16.54 -15.30 6.32
C GLU A 25 -16.98 -15.53 4.88
N GLU A 26 -16.02 -15.59 3.97
CA GLU A 26 -16.33 -15.78 2.56
C GLU A 26 -15.42 -16.87 1.99
N ASP A 27 -16.02 -17.91 1.43
CA ASP A 27 -15.25 -18.99 0.83
C ASP A 27 -14.26 -19.55 1.85
N HIS A 28 -14.68 -19.67 3.10
CA HIS A 28 -13.79 -20.08 4.18
C HIS A 28 -12.74 -19.03 4.56
N VAL A 29 -12.97 -17.79 4.13
CA VAL A 29 -12.09 -16.69 4.47
C VAL A 29 -12.81 -15.72 5.39
N LEU A 30 -12.27 -15.52 6.58
CA LEU A 30 -12.89 -14.66 7.58
C LEU A 30 -12.93 -13.19 7.16
N VAL A 31 -14.12 -12.61 7.21
CA VAL A 31 -14.26 -11.17 6.99
C VAL A 31 -13.99 -10.43 8.29
N LEU A 32 -12.87 -9.72 8.34
CA LEU A 32 -12.47 -9.02 9.57
C LEU A 32 -12.73 -7.51 9.53
N ARG A 33 -13.46 -7.04 10.53
CA ARG A 33 -13.63 -5.61 10.74
C ARG A 33 -12.70 -5.19 11.87
N LYS A 34 -12.77 -3.93 12.28
CA LYS A 34 -11.92 -3.46 13.37
C LYS A 34 -12.53 -3.83 14.71
N SER A 35 -13.77 -4.32 14.66
CA SER A 35 -14.51 -4.67 15.88
C SER A 35 -14.22 -6.09 16.34
N ASN A 36 -13.84 -6.93 15.40
CA ASN A 36 -13.62 -8.31 15.70
C ASN A 36 -12.18 -8.74 15.59
N PHE A 37 -11.36 -7.90 15.03
CA PHE A 37 -9.99 -8.25 14.65
C PHE A 37 -9.23 -8.95 15.77
N ALA A 38 -9.18 -8.30 16.94
CA ALA A 38 -8.45 -8.85 18.08
C ALA A 38 -9.17 -10.04 18.69
N GLU A 39 -10.44 -10.21 18.32
CA GLU A 39 -11.21 -11.35 18.78
C GLU A 39 -10.80 -12.58 17.97
N ALA A 40 -10.47 -12.36 16.71
CA ALA A 40 -9.98 -13.44 15.86
C ALA A 40 -8.50 -13.70 16.12
N LEU A 41 -7.81 -12.70 16.66
CA LEU A 41 -6.41 -12.85 17.03
C LEU A 41 -6.26 -13.84 18.16
N ALA A 42 -7.18 -13.80 19.11
CA ALA A 42 -7.14 -14.68 20.27
C ALA A 42 -7.77 -16.04 19.97
N ALA A 43 -8.82 -16.03 19.16
CA ALA A 43 -9.54 -17.27 18.84
C ALA A 43 -8.83 -18.10 17.78
N HIS A 44 -7.75 -17.56 17.23
CA HIS A 44 -6.99 -18.26 16.20
C HIS A 44 -5.48 -18.09 16.42
N LYS A 45 -4.77 -19.17 16.69
CA LYS A 45 -3.35 -19.08 16.98
C LYS A 45 -2.54 -18.85 15.76
N TYR A 46 -3.05 -19.26 14.62
CA TYR A 46 -2.37 -19.00 13.36
C TYR A 46 -3.32 -18.29 12.40
N LEU A 47 -3.18 -16.97 12.32
CA LEU A 47 -4.08 -16.15 11.52
C LEU A 47 -3.37 -15.44 10.38
N LEU A 48 -3.71 -15.80 9.15
CA LEU A 48 -3.15 -15.15 7.98
C LEU A 48 -4.15 -14.12 7.45
N VAL A 49 -3.76 -12.85 7.49
CA VAL A 49 -4.65 -11.76 7.13
C VAL A 49 -4.20 -11.05 5.85
N GLU A 50 -5.09 -11.00 4.87
CA GLU A 50 -4.83 -10.30 3.62
C GLU A 50 -5.48 -8.92 3.61
N PHE A 51 -4.66 -7.88 3.54
CA PHE A 51 -5.18 -6.52 3.41
C PHE A 51 -5.36 -6.15 1.94
N TYR A 52 -6.60 -5.91 1.54
CA TYR A 52 -6.90 -5.62 0.15
C TYR A 52 -7.79 -4.40 -0.01
N ALA A 53 -7.69 -3.77 -1.18
CA ALA A 53 -8.60 -2.70 -1.56
C ALA A 53 -9.35 -3.11 -2.82
N PRO A 54 -10.70 -3.01 -2.79
CA PRO A 54 -11.58 -3.54 -3.84
C PRO A 54 -11.23 -3.07 -5.26
N TRP A 55 -10.43 -2.03 -5.37
CA TRP A 55 -10.01 -1.53 -6.68
C TRP A 55 -8.65 -2.07 -7.11
N CYS A 56 -7.92 -2.69 -6.20
CA CYS A 56 -6.62 -3.20 -6.55
CA CYS A 56 -6.70 -3.14 -6.55
C CYS A 56 -6.71 -4.35 -7.50
N GLY A 57 -6.02 -4.21 -8.60
CA GLY A 57 -6.02 -5.23 -9.63
C GLY A 57 -5.38 -6.53 -9.20
N HIS A 58 -4.32 -6.44 -8.40
CA HIS A 58 -3.62 -7.64 -7.94
C HIS A 58 -4.35 -8.33 -6.80
N CYS A 59 -5.24 -7.58 -6.14
CA CYS A 59 -6.01 -8.12 -5.02
CA CYS A 59 -6.00 -8.12 -5.02
C CYS A 59 -7.17 -8.95 -5.54
N LYS A 60 -7.49 -8.73 -6.80
CA LYS A 60 -8.56 -9.37 -7.50
C LYS A 60 -8.15 -10.72 -7.90
N ALA A 61 -6.93 -10.85 -8.34
CA ALA A 61 -6.35 -12.08 -8.84
C ALA A 61 -6.00 -13.03 -7.71
N LEU A 62 -5.65 -12.46 -6.56
CA LEU A 62 -5.29 -13.25 -5.39
C LEU A 62 -6.53 -13.77 -4.66
N ALA A 63 -7.62 -13.01 -4.74
CA ALA A 63 -8.87 -13.35 -4.05
C ALA A 63 -9.38 -14.78 -4.22
N PRO A 64 -9.46 -15.29 -5.47
CA PRO A 64 -9.94 -16.68 -5.59
C PRO A 64 -8.87 -17.68 -5.19
N GLU A 65 -7.61 -17.29 -5.30
CA GLU A 65 -6.50 -18.16 -4.91
C GLU A 65 -6.32 -18.16 -3.40
N TYR A 66 -6.67 -17.04 -2.78
CA TYR A 66 -6.58 -16.91 -1.33
C TYR A 66 -7.67 -17.76 -0.67
N ALA A 67 -8.83 -17.83 -1.32
CA ALA A 67 -9.95 -18.61 -0.82
C ALA A 67 -9.76 -20.08 -1.13
N LYS A 68 -9.11 -20.37 -2.26
CA LYS A 68 -8.80 -21.74 -2.66
C LYS A 68 -7.85 -22.38 -1.66
N ALA A 69 -6.97 -21.56 -1.10
CA ALA A 69 -6.03 -22.02 -0.09
C ALA A 69 -6.73 -22.26 1.25
N ALA A 70 -7.74 -21.44 1.53
CA ALA A 70 -8.49 -21.56 2.77
C ALA A 70 -9.35 -22.83 2.80
N GLY A 71 -9.79 -23.25 1.62
CA GLY A 71 -10.61 -24.44 1.49
C GLY A 71 -9.81 -25.72 1.61
N LYS A 72 -8.54 -25.63 1.30
CA LYS A 72 -7.70 -26.79 1.32
C LYS A 72 -7.21 -27.07 2.71
N LEU A 73 -7.03 -26.05 3.51
CA LEU A 73 -6.73 -26.19 4.93
C LEU A 73 -7.95 -26.75 5.66
N LYS A 74 -9.13 -26.32 5.21
CA LYS A 74 -10.38 -26.80 5.79
C LYS A 74 -10.55 -28.29 5.57
N ALA A 75 -10.23 -28.74 4.35
CA ALA A 75 -10.37 -30.14 3.98
C ALA A 75 -9.44 -31.04 4.80
N GLU A 76 -8.30 -30.50 5.20
CA GLU A 76 -7.34 -31.25 5.97
C GLU A 76 -7.66 -31.18 7.46
N GLY A 77 -8.58 -30.29 7.80
CA GLY A 77 -8.98 -30.10 9.18
C GLY A 77 -8.03 -29.19 9.92
N SER A 78 -7.27 -28.40 9.16
CA SER A 78 -6.28 -27.50 9.74
C SER A 78 -6.93 -26.43 10.60
N GLU A 79 -6.20 -25.97 11.62
CA GLU A 79 -6.72 -24.96 12.54
C GLU A 79 -6.36 -23.56 12.08
N ILE A 80 -5.47 -23.47 11.10
CA ILE A 80 -5.04 -22.19 10.55
C ILE A 80 -6.20 -21.52 9.83
N ARG A 81 -6.50 -20.28 10.22
CA ARG A 81 -7.59 -19.54 9.58
C ARG A 81 -7.07 -18.38 8.73
N LEU A 82 -7.69 -18.20 7.58
CA LEU A 82 -7.34 -17.11 6.68
C LEU A 82 -8.39 -16.00 6.75
N ALA A 83 -7.94 -14.77 6.89
CA ALA A 83 -8.83 -13.64 7.01
C ALA A 83 -8.45 -12.51 6.06
N LYS A 84 -9.29 -11.50 5.94
CA LYS A 84 -9.01 -10.34 5.09
C LYS A 84 -9.62 -9.10 5.64
N VAL A 85 -9.09 -7.96 5.23
CA VAL A 85 -9.56 -6.66 5.70
C VAL A 85 -9.70 -5.68 4.54
N ASP A 86 -10.90 -5.13 4.38
CA ASP A 86 -11.13 -4.11 3.36
C ASP A 86 -10.56 -2.78 3.86
N ALA A 87 -9.41 -2.40 3.33
CA ALA A 87 -8.71 -1.22 3.80
C ALA A 87 -9.51 0.08 3.58
N THR A 88 -10.39 0.07 2.59
CA THR A 88 -11.23 1.23 2.33
C THR A 88 -12.32 1.34 3.40
N GLU A 89 -12.65 0.23 4.02
CA GLU A 89 -13.71 0.29 4.98
C GLU A 89 -13.24 0.52 6.40
N GLU A 90 -12.16 -0.13 6.80
CA GLU A 90 -11.59 0.14 8.12
C GLU A 90 -10.66 1.35 8.11
N SER A 91 -9.71 1.35 7.21
CA SER A 91 -8.78 2.47 7.02
C SER A 91 -7.83 2.71 8.19
N ASP A 92 -8.37 2.76 9.40
CA ASP A 92 -7.58 2.83 10.62
C ASP A 92 -6.92 1.49 10.96
N LEU A 93 -7.34 0.40 10.30
CA LEU A 93 -6.73 -0.87 10.58
C LEU A 93 -5.58 -1.11 9.64
N ALA A 94 -5.54 -0.36 8.57
CA ALA A 94 -4.38 -0.37 7.69
C ALA A 94 -3.33 0.61 8.20
N GLN A 95 -3.80 1.66 8.86
CA GLN A 95 -2.91 2.64 9.44
C GLN A 95 -2.18 2.05 10.63
N GLN A 96 -2.85 1.16 11.35
CA GLN A 96 -2.26 0.61 12.57
C GLN A 96 -1.30 -0.53 12.32
N TYR A 97 -1.04 -0.83 11.05
CA TYR A 97 -0.10 -1.89 10.71
C TYR A 97 0.92 -1.47 9.66
N GLY A 98 1.07 -0.16 9.48
CA GLY A 98 2.06 0.39 8.57
C GLY A 98 1.94 -0.13 7.15
N VAL A 99 0.73 -0.51 6.76
CA VAL A 99 0.48 -1.09 5.44
C VAL A 99 0.85 -0.11 4.32
N ARG A 100 1.68 -0.58 3.40
CA ARG A 100 2.20 0.28 2.34
C ARG A 100 1.81 -0.19 0.95
N GLY A 101 0.53 -0.49 0.77
CA GLY A 101 0.02 -0.90 -0.53
C GLY A 101 -0.74 -2.20 -0.45
N TYR A 102 -1.23 -2.67 -1.60
CA TYR A 102 -2.10 -3.84 -1.62
C TYR A 102 -1.81 -4.77 -2.79
N PRO A 103 -1.90 -6.09 -2.57
CA PRO A 103 -2.30 -6.71 -1.30
C PRO A 103 -1.16 -6.77 -0.27
N THR A 104 -1.50 -6.77 1.00
CA THR A 104 -0.53 -6.95 2.07
C THR A 104 -0.95 -8.10 2.98
N ILE A 105 -0.12 -9.11 3.05
CA ILE A 105 -0.45 -10.30 3.82
C ILE A 105 0.40 -10.47 5.03
N LYS A 106 -0.22 -10.48 6.17
CA LYS A 106 0.50 -10.60 7.44
C LYS A 106 0.10 -11.87 8.19
N PHE A 107 1.09 -12.51 8.80
CA PHE A 107 0.84 -13.75 9.54
C PHE A 107 0.99 -13.52 11.05
N PHE A 108 -0.05 -13.90 11.79
CA PHE A 108 -0.09 -13.65 13.24
C PHE A 108 -0.01 -14.94 14.05
N ARG A 109 1.03 -15.07 14.85
CA ARG A 109 1.16 -16.20 15.76
C ARG A 109 0.73 -15.81 17.17
N ASN A 110 -0.17 -16.60 17.72
CA ASN A 110 -0.61 -16.46 19.08
C ASN A 110 -1.26 -15.14 19.34
N GLY A 111 -1.77 -14.53 18.30
CA GLY A 111 -2.44 -13.24 18.38
C GLY A 111 -1.48 -12.13 18.76
N ASP A 112 -0.20 -12.34 18.48
CA ASP A 112 0.83 -11.37 18.82
C ASP A 112 0.95 -10.31 17.74
N THR A 113 0.56 -9.08 18.07
CA THR A 113 0.58 -7.98 17.12
C THR A 113 1.96 -7.34 17.03
N ALA A 114 2.87 -7.80 17.87
CA ALA A 114 4.21 -7.23 17.92
C ALA A 114 5.15 -7.83 16.87
N SER A 115 4.93 -9.10 16.54
CA SER A 115 5.76 -9.77 15.54
C SER A 115 4.97 -10.48 14.46
N PRO A 116 4.30 -9.71 13.59
CA PRO A 116 3.62 -10.35 12.45
C PRO A 116 4.57 -10.55 11.28
N LYS A 117 4.66 -11.79 10.79
CA LYS A 117 5.50 -12.08 9.64
C LYS A 117 4.74 -11.77 8.36
N GLU A 118 5.37 -10.99 7.47
CA GLU A 118 4.76 -10.63 6.22
C GLU A 118 4.95 -11.71 5.21
N TYR A 119 3.89 -12.06 4.52
CA TYR A 119 3.99 -13.06 3.47
C TYR A 119 4.41 -12.39 2.17
N THR A 120 5.52 -12.86 1.59
CA THR A 120 6.07 -12.23 0.40
C THR A 120 6.39 -13.22 -0.71
N ALA A 121 5.76 -14.39 -0.67
CA ALA A 121 5.99 -15.42 -1.67
C ALA A 121 4.93 -15.38 -2.77
N GLY A 122 4.80 -16.50 -3.49
CA GLY A 122 3.84 -16.62 -4.57
C GLY A 122 2.41 -16.47 -4.11
N ARG A 123 1.53 -16.08 -5.03
CA ARG A 123 0.15 -15.81 -4.69
C ARG A 123 -0.83 -16.83 -5.26
N GLU A 124 -0.35 -18.01 -5.54
CA GLU A 124 -1.18 -19.13 -5.89
C GLU A 124 -1.53 -19.89 -4.63
N ALA A 125 -2.63 -20.62 -4.62
CA ALA A 125 -3.12 -21.28 -3.41
C ALA A 125 -2.08 -22.24 -2.81
N ASP A 126 -1.41 -23.00 -3.67
CA ASP A 126 -0.43 -23.98 -3.22
C ASP A 126 0.81 -23.34 -2.59
N ASP A 127 1.16 -22.14 -3.00
CA ASP A 127 2.29 -21.45 -2.44
C ASP A 127 1.99 -21.01 -1.06
N ILE A 128 0.87 -20.38 -0.90
CA ILE A 128 0.45 -19.89 0.39
C ILE A 128 0.33 -20.98 1.43
N VAL A 129 -0.22 -22.10 1.04
CA VAL A 129 -0.42 -23.20 1.95
C VAL A 129 0.88 -23.81 2.41
N ASN A 130 1.79 -24.07 1.52
CA ASN A 130 3.09 -24.64 1.86
C ASN A 130 3.91 -23.70 2.74
N TRP A 131 3.65 -22.41 2.63
CA TRP A 131 4.33 -21.42 3.45
C TRP A 131 3.82 -21.48 4.87
N LEU A 132 2.51 -21.64 5.03
CA LEU A 132 1.90 -21.72 6.35
C LEU A 132 2.33 -22.97 7.10
N LYS A 133 2.43 -24.05 6.39
CA LYS A 133 2.70 -25.32 7.00
C LYS A 133 4.07 -25.39 7.61
N LYS A 134 4.99 -24.60 7.08
CA LYS A 134 6.36 -24.59 7.53
C LYS A 134 6.62 -23.66 8.72
N ARG A 135 5.59 -22.96 9.16
CA ARG A 135 5.75 -22.06 10.30
C ARG A 135 4.55 -22.06 11.25
N THR A 136 3.69 -23.05 11.10
CA THR A 136 2.62 -23.28 12.08
C THR A 136 2.96 -24.50 12.93
N GLY A 137 2.19 -24.72 13.98
CA GLY A 137 2.52 -25.76 14.95
C GLY A 137 3.38 -25.19 16.05
N PRO A 138 3.58 -25.95 17.13
CA PRO A 138 4.36 -25.49 18.29
C PRO A 138 5.77 -25.04 17.90
N ALA A 139 6.28 -24.03 18.59
CA ALA A 139 7.55 -23.40 18.22
C ALA A 139 8.77 -24.24 18.59
N ALA A 140 8.57 -25.25 19.42
CA ALA A 140 9.67 -26.10 19.86
C ALA A 140 9.61 -27.49 19.22
N THR A 141 10.63 -27.82 18.44
CA THR A 141 10.72 -29.12 17.79
C THR A 141 11.16 -30.21 18.77
N THR A 142 10.35 -31.25 18.91
CA THR A 142 10.68 -32.36 19.78
C THR A 142 11.83 -33.20 19.21
N LEU A 143 12.86 -33.42 20.04
CA LEU A 143 14.04 -34.16 19.62
C LEU A 143 14.11 -35.50 20.33
N PRO A 144 13.99 -36.60 19.57
CA PRO A 144 14.05 -37.95 20.15
C PRO A 144 15.47 -38.52 20.22
N ASP A 145 16.34 -38.04 19.35
CA ASP A 145 17.67 -38.62 19.21
C ASP A 145 18.73 -37.60 18.84
N GLY A 146 20.00 -38.00 18.92
CA GLY A 146 21.10 -37.10 18.69
C GLY A 146 21.13 -36.56 17.26
N ALA A 147 20.44 -37.27 16.36
CA ALA A 147 20.37 -36.85 14.97
C ALA A 147 19.57 -35.56 14.84
N ALA A 148 18.33 -35.58 15.32
CA ALA A 148 17.46 -34.40 15.26
C ALA A 148 18.02 -33.26 16.09
N ALA A 149 18.74 -33.60 17.14
CA ALA A 149 19.33 -32.60 18.03
C ALA A 149 20.43 -31.81 17.34
N GLU A 150 21.41 -32.53 16.80
CA GLU A 150 22.55 -31.87 16.19
C GLU A 150 22.19 -31.30 14.81
N SER A 151 21.06 -31.75 14.28
CA SER A 151 20.54 -31.21 13.02
C SER A 151 19.92 -29.84 13.28
N LEU A 152 19.22 -29.72 14.40
CA LEU A 152 18.58 -28.48 14.80
C LEU A 152 19.62 -27.40 15.07
N VAL A 153 20.77 -27.82 15.57
CA VAL A 153 21.83 -26.91 15.85
C VAL A 153 22.54 -26.47 14.59
N GLU A 154 22.77 -27.39 13.68
CA GLU A 154 23.48 -27.11 12.44
C GLU A 154 22.62 -26.33 11.45
N SER A 155 21.31 -26.27 11.73
CA SER A 155 20.36 -25.66 10.81
C SER A 155 20.23 -24.15 10.98
N SER A 156 20.94 -23.60 11.95
CA SER A 156 20.88 -22.17 12.23
C SER A 156 22.13 -21.68 12.97
N GLU A 157 22.40 -20.38 12.85
CA GLU A 157 23.55 -19.78 13.51
C GLU A 157 23.41 -19.90 15.02
N VAL A 158 22.19 -19.71 15.51
CA VAL A 158 21.91 -19.82 16.94
C VAL A 158 20.71 -20.73 17.19
N ALA A 159 20.90 -21.73 18.05
CA ALA A 159 19.83 -22.66 18.40
C ALA A 159 19.75 -22.88 19.90
N VAL A 160 18.53 -23.08 20.40
CA VAL A 160 18.31 -23.31 21.83
C VAL A 160 17.62 -24.64 22.08
N ILE A 161 18.26 -25.50 22.87
CA ILE A 161 17.69 -26.81 23.19
C ILE A 161 17.41 -26.95 24.68
N GLY A 162 16.17 -27.31 25.01
CA GLY A 162 15.77 -27.53 26.38
C GLY A 162 15.79 -29.01 26.73
N PHE A 163 16.41 -29.34 27.87
CA PHE A 163 16.56 -30.71 28.30
C PHE A 163 15.69 -30.98 29.52
N PHE A 164 14.62 -31.73 29.33
CA PHE A 164 13.68 -32.00 30.42
C PHE A 164 13.19 -33.44 30.41
N LYS A 165 13.53 -34.19 31.46
CA LYS A 165 13.10 -35.57 31.61
C LYS A 165 11.59 -35.63 31.82
N ASP A 166 11.04 -34.66 32.55
CA ASP A 166 9.61 -34.54 32.72
C ASP A 166 9.13 -33.34 31.96
N VAL A 167 8.54 -33.61 30.82
CA VAL A 167 8.13 -32.55 29.90
C VAL A 167 6.85 -31.82 30.37
N GLU A 168 6.29 -32.26 31.49
CA GLU A 168 5.11 -31.61 32.05
C GLU A 168 5.46 -30.63 33.17
N SER A 169 6.74 -30.57 33.53
CA SER A 169 7.20 -29.67 34.57
C SER A 169 7.03 -28.21 34.14
N ASP A 170 6.92 -27.32 35.11
CA ASP A 170 6.78 -25.89 34.84
C ASP A 170 7.98 -25.39 34.05
N SER A 171 9.14 -25.92 34.39
CA SER A 171 10.39 -25.59 33.70
C SER A 171 10.28 -25.91 32.22
N ALA A 172 9.61 -27.03 31.92
CA ALA A 172 9.40 -27.44 30.53
C ALA A 172 8.34 -26.58 29.87
N LYS A 173 7.30 -26.25 30.62
CA LYS A 173 6.21 -25.42 30.11
C LYS A 173 6.64 -23.98 29.91
N GLN A 174 7.39 -23.44 30.87
CA GLN A 174 7.92 -22.09 30.74
C GLN A 174 8.93 -22.01 29.60
N PHE A 175 9.56 -23.14 29.30
CA PHE A 175 10.47 -23.22 28.17
C PHE A 175 9.72 -23.13 26.85
N LEU A 176 8.60 -23.83 26.77
CA LEU A 176 7.77 -23.81 25.57
C LEU A 176 7.10 -22.45 25.37
N GLN A 177 6.79 -21.80 26.49
CA GLN A 177 6.23 -20.45 26.44
C GLN A 177 7.26 -19.45 25.91
N ALA A 178 8.53 -19.71 26.22
CA ALA A 178 9.61 -18.85 25.76
C ALA A 178 9.93 -19.12 24.29
N ALA A 179 9.70 -20.35 23.86
CA ALA A 179 9.95 -20.75 22.47
C ALA A 179 8.94 -20.07 21.54
N GLU A 180 7.71 -19.95 22.00
CA GLU A 180 6.66 -19.32 21.22
C GLU A 180 6.88 -17.82 21.08
N ALA A 181 7.59 -17.24 22.05
CA ALA A 181 7.81 -15.79 22.08
C ALA A 181 8.98 -15.36 21.20
N ILE A 182 9.66 -16.33 20.60
CA ILE A 182 10.78 -16.04 19.71
C ILE A 182 10.64 -16.79 18.39
N ASP A 183 10.82 -16.07 17.29
CA ASP A 183 10.62 -16.65 15.96
C ASP A 183 11.90 -16.67 15.12
N ASP A 184 12.84 -15.85 15.52
CA ASP A 184 14.10 -15.70 14.85
C ASP A 184 15.10 -16.76 15.21
N ILE A 185 14.72 -17.62 16.14
CA ILE A 185 15.57 -18.71 16.62
C ILE A 185 14.79 -20.02 16.74
N PRO A 186 15.33 -21.10 16.18
CA PRO A 186 14.72 -22.43 16.33
C PRO A 186 14.92 -22.98 17.75
N PHE A 187 13.87 -23.55 18.32
CA PHE A 187 13.96 -24.13 19.65
C PHE A 187 13.78 -25.64 19.62
N GLY A 188 14.53 -26.35 20.44
CA GLY A 188 14.45 -27.79 20.53
C GLY A 188 14.17 -28.26 21.94
N ILE A 189 13.48 -29.38 22.07
CA ILE A 189 13.18 -29.94 23.39
C ILE A 189 13.28 -31.46 23.37
N THR A 190 13.93 -32.02 24.39
CA THR A 190 14.13 -33.46 24.46
C THR A 190 13.92 -34.02 25.87
N SER A 191 13.63 -35.32 25.94
CA SER A 191 13.53 -36.01 27.21
C SER A 191 14.48 -37.20 27.20
N ASN A 192 14.95 -37.54 26.00
CA ASN A 192 15.90 -38.63 25.84
C ASN A 192 17.18 -38.36 26.61
N SER A 193 17.59 -39.31 27.44
CA SER A 193 18.75 -39.13 28.28
C SER A 193 20.03 -39.48 27.55
N ASP A 194 19.90 -40.13 26.41
CA ASP A 194 21.08 -40.32 25.57
C ASP A 194 21.55 -38.98 25.03
N VAL A 195 20.62 -38.05 24.94
CA VAL A 195 20.91 -36.69 24.49
C VAL A 195 21.53 -35.90 25.61
N PHE A 196 20.94 -36.00 26.78
CA PHE A 196 21.50 -35.39 27.94
C PHE A 196 22.98 -35.77 28.07
N SER A 197 23.31 -37.07 28.07
CA SER A 197 24.67 -37.53 28.21
C SER A 197 25.52 -37.06 27.03
N LYS A 198 24.91 -37.00 25.86
CA LYS A 198 25.60 -36.57 24.65
C LYS A 198 26.09 -35.15 24.77
N TYR A 199 25.20 -34.28 25.24
CA TYR A 199 25.53 -32.89 25.39
C TYR A 199 26.04 -32.55 26.77
N GLN A 200 26.58 -33.55 27.44
CA GLN A 200 27.19 -33.42 28.76
C GLN A 200 26.27 -32.81 29.81
N LEU A 201 25.06 -33.36 29.91
CA LEU A 201 24.10 -32.92 30.91
C LEU A 201 23.63 -34.09 31.77
N ASP A 202 23.70 -33.90 33.09
CA ASP A 202 23.30 -34.94 34.02
C ASP A 202 21.95 -34.63 34.66
N LYS A 203 21.51 -33.38 34.52
CA LYS A 203 20.23 -32.95 35.04
C LYS A 203 19.48 -32.14 34.00
N ASP A 204 18.30 -31.64 34.36
CA ASP A 204 17.53 -30.78 33.48
C ASP A 204 18.25 -29.45 33.27
N GLY A 205 18.03 -28.82 32.11
CA GLY A 205 18.67 -27.56 31.82
C GLY A 205 18.46 -27.08 30.39
N VAL A 206 18.83 -25.84 30.13
CA VAL A 206 18.70 -25.24 28.82
C VAL A 206 20.06 -24.85 28.26
N VAL A 207 20.31 -25.18 27.00
CA VAL A 207 21.59 -24.87 26.38
C VAL A 207 21.43 -24.05 25.10
N LEU A 208 22.10 -22.92 25.04
CA LEU A 208 22.08 -22.08 23.84
C LEU A 208 23.28 -22.37 22.96
N PHE A 209 23.03 -22.82 21.73
CA PHE A 209 24.09 -23.13 20.80
C PHE A 209 24.27 -21.98 19.81
N LYS A 210 25.53 -21.65 19.50
CA LYS A 210 25.84 -20.63 18.51
C LYS A 210 27.11 -20.97 17.73
N LYS A 211 27.19 -20.50 16.49
CA LYS A 211 28.33 -20.81 15.64
C LYS A 211 29.41 -19.72 15.70
N PHE A 212 29.58 -19.13 16.88
CA PHE A 212 30.59 -18.10 17.09
C PHE A 212 30.98 -17.99 18.57
N ASP A 213 32.17 -17.42 18.81
CA ASP A 213 32.71 -17.25 20.16
C ASP A 213 32.86 -18.58 20.90
N GLU A 214 32.31 -18.67 22.11
CA GLU A 214 32.40 -19.88 22.91
C GLU A 214 31.61 -21.04 22.29
N GLY A 215 30.60 -20.70 21.50
CA GLY A 215 29.84 -21.69 20.77
C GLY A 215 28.71 -22.31 21.58
N ARG A 216 28.72 -22.11 22.90
CA ARG A 216 27.72 -22.72 23.76
C ARG A 216 27.56 -22.01 25.10
N ASN A 217 26.32 -21.78 25.50
CA ASN A 217 26.01 -21.20 26.80
C ASN A 217 24.95 -22.02 27.52
N ASN A 218 25.18 -22.29 28.81
CA ASN A 218 24.22 -23.03 29.61
C ASN A 218 23.41 -22.12 30.53
N PHE A 219 22.11 -22.41 30.64
CA PHE A 219 21.23 -21.58 31.47
C PHE A 219 21.34 -21.95 32.95
N GLU A 220 21.22 -20.94 33.80
CA GLU A 220 21.34 -21.13 35.24
C GLU A 220 20.16 -20.48 35.97
N GLY A 221 19.67 -21.14 37.01
CA GLY A 221 18.62 -20.59 37.84
C GLY A 221 17.23 -21.12 37.54
N GLU A 222 16.21 -20.41 38.00
CA GLU A 222 14.83 -20.81 37.82
C GLU A 222 14.43 -20.73 36.34
N VAL A 223 13.93 -21.84 35.81
CA VAL A 223 13.59 -21.92 34.40
C VAL A 223 12.22 -21.28 34.12
N THR A 224 12.22 -19.96 33.95
CA THR A 224 10.99 -19.24 33.63
C THR A 224 11.11 -18.55 32.28
N LYS A 225 9.98 -18.15 31.73
CA LYS A 225 9.94 -17.48 30.46
C LYS A 225 10.76 -16.22 30.44
N GLU A 226 10.53 -15.39 31.43
CA GLU A 226 11.23 -14.11 31.55
C GLU A 226 12.74 -14.31 31.64
N ASN A 227 13.18 -15.25 32.46
CA ASN A 227 14.59 -15.51 32.58
C ASN A 227 15.18 -16.17 31.40
N LEU A 228 14.40 -16.95 30.68
CA LEU A 228 14.87 -17.60 29.46
C LEU A 228 15.06 -16.60 28.33
N LEU A 229 14.11 -15.69 28.17
CA LEU A 229 14.20 -14.67 27.12
C LEU A 229 15.38 -13.74 27.35
N ASP A 230 15.61 -13.37 28.62
CA ASP A 230 16.74 -12.53 28.97
C ASP A 230 18.05 -13.26 28.73
N PHE A 231 18.05 -14.57 28.99
CA PHE A 231 19.23 -15.40 28.78
C PHE A 231 19.60 -15.46 27.30
N ILE A 232 18.61 -15.47 26.44
CA ILE A 232 18.85 -15.56 25.03
C ILE A 232 19.19 -14.25 24.45
N LYS A 233 18.55 -13.20 24.90
CA LYS A 233 18.78 -11.85 24.41
C LYS A 233 20.24 -11.42 24.57
N HIS A 234 20.90 -11.94 25.57
CA HIS A 234 22.24 -11.53 25.91
C HIS A 234 23.26 -12.45 25.41
N ASN A 235 22.85 -13.61 24.99
CA ASN A 235 23.81 -14.59 24.51
C ASN A 235 23.77 -14.82 23.01
N GLN A 236 22.81 -14.23 22.32
CA GLN A 236 22.85 -14.19 20.88
C GLN A 236 23.69 -13.02 20.53
N LEU A 237 23.95 -12.86 19.26
CA LEU A 237 24.85 -11.81 18.77
C LEU A 237 26.30 -12.07 19.16
N PRO A 238 27.19 -12.10 18.17
CA PRO A 238 28.62 -12.28 18.48
C PRO A 238 29.17 -11.09 19.27
N LEU A 239 30.33 -11.28 19.89
CA LEU A 239 30.97 -10.20 20.63
C LEU A 239 31.26 -9.03 19.68
N VAL A 240 32.05 -9.31 18.65
CA VAL A 240 32.20 -8.39 17.53
C VAL A 240 31.58 -9.05 16.30
N ILE A 241 30.95 -8.27 15.45
CA ILE A 241 30.23 -8.83 14.34
C ILE A 241 30.74 -8.41 12.96
N GLU A 242 30.79 -9.30 12.00
CA GLU A 242 31.19 -8.90 10.67
C GLU A 242 30.11 -8.10 10.02
N PHE A 243 30.49 -6.96 9.51
CA PHE A 243 29.58 -6.02 8.88
C PHE A 243 29.32 -6.36 7.42
N THR A 244 28.05 -6.59 7.11
CA THR A 244 27.60 -6.72 5.73
C THR A 244 26.43 -5.76 5.54
N GLU A 245 26.30 -5.15 4.38
CA GLU A 245 25.23 -4.17 4.15
C GLU A 245 23.82 -4.74 4.22
N GLN A 246 23.72 -6.06 4.13
CA GLN A 246 22.42 -6.69 4.25
C GLN A 246 22.09 -6.91 5.68
N THR A 247 23.11 -6.89 6.51
CA THR A 247 22.97 -7.01 7.95
C THR A 247 22.74 -5.65 8.60
N ALA A 248 23.07 -4.59 7.86
CA ALA A 248 22.89 -3.21 8.32
C ALA A 248 21.54 -2.88 8.99
N PRO A 249 20.43 -3.36 8.45
CA PRO A 249 19.19 -3.12 9.16
C PRO A 249 19.16 -3.70 10.55
N LYS A 250 19.47 -4.97 10.65
CA LYS A 250 19.34 -5.62 11.93
C LYS A 250 20.38 -5.14 12.92
N ILE A 251 21.57 -4.88 12.41
CA ILE A 251 22.66 -4.40 13.25
C ILE A 251 22.31 -3.08 13.92
N PHE A 252 22.10 -2.06 13.10
CA PHE A 252 21.75 -0.75 13.60
C PHE A 252 20.26 -0.67 13.93
N THR A 258 24.05 2.88 19.95
CA THR A 258 25.47 3.10 20.21
C THR A 258 26.31 1.96 19.67
N HIS A 259 27.12 2.28 18.66
CA HIS A 259 27.95 1.28 17.98
C HIS A 259 29.37 1.79 17.80
N ILE A 260 30.35 0.90 17.94
CA ILE A 260 31.73 1.23 17.61
C ILE A 260 32.16 0.47 16.35
N LEU A 261 32.62 1.21 15.34
CA LEU A 261 32.92 0.61 14.05
C LEU A 261 34.42 0.56 13.77
N LEU A 262 34.97 -0.64 13.66
CA LEU A 262 36.36 -0.80 13.37
C LEU A 262 36.62 -1.11 11.94
N PHE A 263 37.23 -0.17 11.24
CA PHE A 263 37.51 -0.36 9.84
C PHE A 263 38.81 -1.00 9.72
N LEU A 264 38.83 -2.32 9.69
CA LEU A 264 40.05 -3.08 9.68
C LEU A 264 40.29 -3.80 8.40
N PRO A 265 41.36 -3.45 7.70
CA PRO A 265 41.76 -4.11 6.46
C PRO A 265 42.28 -5.52 6.73
N LYS A 266 42.14 -6.40 5.77
CA LYS A 266 42.63 -7.72 5.98
C LYS A 266 44.11 -7.79 5.79
N SER A 267 44.64 -6.97 4.90
CA SER A 267 46.06 -6.93 4.56
C SER A 267 46.96 -6.53 5.72
N VAL A 268 46.40 -5.82 6.69
CA VAL A 268 47.19 -5.28 7.78
C VAL A 268 47.91 -6.34 8.61
N SER A 269 48.92 -5.94 9.34
CA SER A 269 49.63 -6.92 10.12
C SER A 269 48.99 -6.99 11.44
N ASP A 270 49.27 -8.07 12.13
CA ASP A 270 48.70 -8.30 13.42
C ASP A 270 47.22 -8.06 13.39
N TYR A 271 46.61 -8.47 12.31
CA TYR A 271 45.17 -8.41 12.11
C TYR A 271 44.42 -9.14 13.21
N ASP A 272 44.94 -10.32 13.52
CA ASP A 272 44.28 -11.19 14.45
C ASP A 272 44.45 -10.65 15.81
N GLY A 273 45.60 -10.05 16.02
CA GLY A 273 45.97 -9.42 17.28
C GLY A 273 45.12 -8.20 17.56
N LYS A 274 44.92 -7.37 16.54
CA LYS A 274 44.12 -6.16 16.69
C LYS A 274 42.64 -6.51 16.77
N LEU A 275 42.25 -7.57 16.08
CA LEU A 275 40.89 -8.08 16.18
C LEU A 275 40.66 -8.60 17.59
N SER A 276 41.69 -9.20 18.16
CA SER A 276 41.58 -9.70 19.49
C SER A 276 41.44 -8.60 20.46
N ASN A 277 42.13 -7.51 20.22
CA ASN A 277 42.03 -6.33 21.08
C ASN A 277 40.66 -5.67 20.98
N PHE A 278 40.03 -5.80 19.82
CA PHE A 278 38.71 -5.21 19.58
C PHE A 278 37.62 -6.07 20.23
N LYS A 279 37.95 -7.32 20.53
CA LYS A 279 37.00 -8.23 21.15
C LYS A 279 37.04 -8.14 22.68
N THR A 280 38.22 -7.94 23.22
CA THR A 280 38.39 -7.87 24.65
C THR A 280 37.85 -6.57 25.19
N ALA A 281 37.89 -5.55 24.37
CA ALA A 281 37.27 -4.28 24.69
C ALA A 281 35.75 -4.42 24.60
N ALA A 282 35.31 -5.34 23.74
CA ALA A 282 33.88 -5.60 23.55
C ALA A 282 33.28 -6.30 24.76
N GLU A 283 34.13 -7.00 25.51
CA GLU A 283 33.71 -7.73 26.69
C GLU A 283 33.21 -6.80 27.80
N SER A 284 33.61 -5.54 27.72
CA SER A 284 33.34 -4.58 28.78
C SER A 284 32.19 -3.63 28.48
N PHE A 285 31.54 -3.84 27.35
CA PHE A 285 30.46 -2.97 26.94
C PHE A 285 29.29 -3.63 26.33
N LYS A 286 29.14 -4.93 26.54
CA LYS A 286 28.07 -5.73 25.95
C LYS A 286 26.69 -5.26 26.43
N GLY A 287 25.81 -5.00 25.48
CA GLY A 287 24.47 -4.55 25.81
C GLY A 287 24.38 -3.04 25.78
N LYS A 288 25.54 -2.38 25.83
CA LYS A 288 25.59 -0.92 25.80
C LYS A 288 26.09 -0.44 24.46
N ILE A 289 27.25 -0.94 24.06
CA ILE A 289 27.84 -0.65 22.77
C ILE A 289 27.98 -1.87 21.91
N LEU A 290 27.57 -1.74 20.67
CA LEU A 290 27.70 -2.86 19.75
C LEU A 290 29.00 -2.78 18.95
N PHE A 291 29.88 -3.75 19.18
CA PHE A 291 31.17 -3.79 18.51
C PHE A 291 31.06 -4.42 17.12
N ILE A 292 31.40 -3.65 16.09
CA ILE A 292 31.32 -4.10 14.71
C ILE A 292 32.65 -3.85 13.99
N PHE A 293 33.22 -4.89 13.41
CA PHE A 293 34.41 -4.71 12.57
C PHE A 293 34.07 -4.98 11.11
N ILE A 294 34.53 -4.07 10.27
CA ILE A 294 34.28 -4.11 8.84
C ILE A 294 35.54 -4.23 8.04
N ASP A 295 35.52 -5.00 6.96
CA ASP A 295 36.70 -5.15 6.12
C ASP A 295 36.81 -4.00 5.13
N SER A 296 37.80 -3.14 5.33
CA SER A 296 37.96 -1.97 4.54
C SER A 296 38.55 -2.33 3.19
N ASP A 297 39.40 -3.34 3.17
CA ASP A 297 40.01 -3.79 1.92
C ASP A 297 38.94 -4.26 0.92
N HIS A 298 37.75 -4.56 1.42
CA HIS A 298 36.69 -5.07 0.59
C HIS A 298 35.99 -3.99 -0.21
N THR A 299 35.19 -4.41 -1.18
CA THR A 299 34.63 -3.49 -2.17
C THR A 299 33.14 -3.18 -1.92
N ASP A 300 32.56 -3.88 -0.92
CA ASP A 300 31.16 -3.65 -0.65
C ASP A 300 31.00 -2.76 0.55
N ASN A 301 32.08 -2.57 1.28
CA ASN A 301 32.09 -1.65 2.41
C ASN A 301 32.50 -0.25 2.00
N GLN A 302 31.79 0.32 1.04
CA GLN A 302 32.13 1.64 0.50
C GLN A 302 31.07 2.68 0.80
N ARG A 303 29.81 2.28 0.69
CA ARG A 303 28.74 3.18 1.00
C ARG A 303 28.95 3.66 2.39
N ILE A 304 29.38 2.76 3.26
CA ILE A 304 29.53 3.05 4.68
C ILE A 304 30.89 3.69 4.96
N LEU A 305 31.87 3.40 4.12
CA LEU A 305 33.18 3.95 4.33
C LEU A 305 33.25 5.38 3.83
N GLU A 306 32.32 5.74 2.98
CA GLU A 306 32.22 7.11 2.48
C GLU A 306 31.16 7.88 3.26
N PHE A 307 30.25 7.14 3.88
CA PHE A 307 29.25 7.71 4.78
C PHE A 307 29.94 8.36 5.97
N PHE A 308 31.07 7.78 6.36
CA PHE A 308 31.88 8.33 7.44
C PHE A 308 33.01 9.20 6.89
N GLY A 309 33.06 9.33 5.57
CA GLY A 309 34.06 10.16 4.92
C GLY A 309 35.46 9.62 5.05
N LEU A 310 35.62 8.31 4.93
CA LEU A 310 36.95 7.70 5.01
C LEU A 310 37.35 6.98 3.76
N LYS A 311 38.63 6.74 3.64
CA LYS A 311 39.22 6.10 2.48
C LYS A 311 40.02 4.90 2.96
N LYS A 312 40.30 3.97 2.07
CA LYS A 312 41.03 2.76 2.43
C LYS A 312 42.42 3.09 2.97
N GLU A 313 42.99 4.18 2.49
CA GLU A 313 44.32 4.60 2.91
C GLU A 313 44.31 5.08 4.37
N GLU A 314 43.20 5.68 4.78
CA GLU A 314 43.08 6.22 6.12
C GLU A 314 42.80 5.13 7.15
N CYS A 315 42.58 3.91 6.68
CA CYS A 315 42.33 2.80 7.57
C CYS A 315 43.60 2.07 7.84
N PRO A 316 43.67 1.31 8.92
CA PRO A 316 42.64 0.99 9.94
C PRO A 316 42.13 2.21 10.71
N ALA A 317 40.82 2.23 10.95
CA ALA A 317 40.18 3.36 11.62
C ALA A 317 39.04 2.93 12.52
N VAL A 318 38.61 3.84 13.41
CA VAL A 318 37.52 3.56 14.34
C VAL A 318 36.55 4.74 14.41
N ARG A 319 35.26 4.43 14.34
CA ARG A 319 34.23 5.46 14.40
C ARG A 319 33.05 5.00 15.27
N LEU A 320 32.78 5.74 16.33
CA LEU A 320 31.68 5.41 17.23
C LEU A 320 30.47 6.30 16.92
N ILE A 321 29.28 5.74 16.91
CA ILE A 321 28.08 6.50 16.65
C ILE A 321 27.00 6.30 17.66
N THR A 322 25.86 6.93 17.38
CA THR A 322 24.67 6.79 18.22
C THR A 322 23.47 7.48 17.55
N MET A 327 21.50 11.60 14.54
CA MET A 327 22.66 10.73 14.40
C MET A 327 23.92 11.40 14.91
N THR A 328 24.41 10.94 16.06
CA THR A 328 25.60 11.51 16.65
C THR A 328 26.77 10.57 16.51
N LYS A 329 27.82 11.02 15.85
CA LYS A 329 28.97 10.18 15.72
C LYS A 329 30.17 10.77 16.36
N TYR A 330 31.10 9.90 16.75
CA TYR A 330 32.30 10.30 17.44
C TYR A 330 33.58 9.66 16.87
N LYS A 331 34.73 10.09 17.36
CA LYS A 331 35.97 9.63 16.80
C LYS A 331 37.09 9.72 17.78
N PRO A 332 37.85 8.64 17.91
CA PRO A 332 38.85 8.50 18.97
C PRO A 332 40.00 9.51 18.88
N GLU A 333 40.73 9.65 19.99
CA GLU A 333 41.87 10.54 20.04
C GLU A 333 43.07 9.89 19.36
N SER A 334 43.68 8.92 20.02
CA SER A 334 44.80 8.19 19.44
C SER A 334 44.32 7.30 18.30
N GLU A 335 45.25 6.79 17.49
CA GLU A 335 44.88 5.98 16.34
C GLU A 335 45.27 4.50 16.47
N GLU A 336 45.64 4.13 17.69
CA GLU A 336 46.10 2.77 17.93
C GLU A 336 45.13 1.86 18.62
N LEU A 337 45.34 0.58 18.46
CA LEU A 337 44.28 -0.31 18.79
C LEU A 337 44.63 -1.37 19.73
N THR A 338 44.84 -1.00 20.97
CA THR A 338 45.02 -1.96 22.04
C THR A 338 43.65 -2.33 22.57
N ALA A 339 43.60 -2.76 23.82
CA ALA A 339 42.34 -3.03 24.49
C ALA A 339 42.03 -1.88 25.44
N GLU A 340 43.07 -1.38 26.11
CA GLU A 340 42.90 -0.32 27.10
C GLU A 340 42.47 1.01 26.48
N ARG A 341 43.05 1.34 25.32
CA ARG A 341 42.78 2.63 24.68
C ARG A 341 41.41 2.67 23.99
N ILE A 342 40.98 1.53 23.47
CA ILE A 342 39.71 1.44 22.74
C ILE A 342 38.61 1.42 23.76
N THR A 343 38.93 0.87 24.93
CA THR A 343 38.00 0.79 26.05
C THR A 343 37.76 2.16 26.67
N GLU A 344 38.85 2.85 27.01
CA GLU A 344 38.75 4.16 27.62
C GLU A 344 38.10 5.14 26.67
N PHE A 345 38.33 4.93 25.38
CA PHE A 345 37.74 5.75 24.37
C PHE A 345 36.24 5.67 24.51
N CYS A 346 35.75 4.48 24.74
CA CYS A 346 34.34 4.29 24.90
C CYS A 346 33.93 4.98 26.17
N HIS A 347 34.73 4.79 27.20
CA HIS A 347 34.46 5.45 28.48
C HIS A 347 34.50 6.96 28.35
N ARG A 348 35.47 7.46 27.58
CA ARG A 348 35.57 8.90 27.38
C ARG A 348 34.29 9.41 26.74
N PHE A 349 33.79 8.68 25.74
CA PHE A 349 32.54 9.09 25.09
C PHE A 349 31.38 9.01 26.07
N LEU A 350 31.43 8.03 26.97
CA LEU A 350 30.34 7.81 27.93
C LEU A 350 30.23 8.83 29.06
N GLU A 351 30.61 10.06 28.78
CA GLU A 351 30.63 11.09 29.80
C GLU A 351 31.04 12.39 29.18
N GLY A 352 30.62 12.63 27.95
CA GLY A 352 31.08 13.78 27.21
C GLY A 352 32.53 13.54 26.82
N LYS A 353 33.46 14.28 27.38
CA LYS A 353 34.91 14.06 27.20
C LYS A 353 35.40 13.76 25.77
N ILE A 354 34.48 13.69 24.84
CA ILE A 354 34.78 13.54 23.42
C ILE A 354 33.72 14.26 22.61
N LYS A 355 34.13 15.23 21.81
CA LYS A 355 33.19 16.02 21.05
C LYS A 355 32.72 15.31 19.83
N PRO A 356 31.47 15.45 19.50
CA PRO A 356 31.03 14.92 18.25
C PRO A 356 31.88 15.28 17.09
N HIS A 357 32.08 14.32 16.24
CA HIS A 357 32.88 14.56 15.11
C HIS A 357 31.96 14.97 14.02
N LEU A 358 32.21 16.14 13.48
CA LEU A 358 31.53 16.72 12.33
C LEU A 358 32.43 16.64 11.10
N MET A 359 31.86 16.18 9.99
CA MET A 359 32.62 16.10 8.74
C MET A 359 32.94 17.49 8.24
N SER A 360 34.20 17.69 7.88
CA SER A 360 34.69 19.00 7.46
C SER A 360 35.97 18.98 6.65
N GLN A 361 36.00 19.75 5.57
CA GLN A 361 37.18 19.83 4.73
C GLN A 361 38.33 20.45 5.50
N GLU A 362 39.50 20.47 4.88
CA GLU A 362 40.63 21.19 5.44
C GLU A 362 40.49 22.66 5.06
N LEU A 363 40.49 23.56 6.06
CA LEU A 363 40.25 24.98 5.79
C LEU A 363 41.40 25.71 5.16
N PRO A 364 41.38 25.87 3.84
CA PRO A 364 42.51 26.37 3.07
C PRO A 364 42.87 27.78 3.53
N GLU A 365 44.15 28.12 3.57
CA GLU A 365 44.58 29.40 4.11
C GLU A 365 44.19 30.58 3.24
N ASP A 366 43.69 30.31 2.06
CA ASP A 366 43.26 31.35 1.16
C ASP A 366 41.89 31.79 1.52
N TRP A 367 41.18 30.89 2.17
CA TRP A 367 39.73 30.95 2.36
C TRP A 367 39.11 32.35 2.46
N ASP A 368 39.87 33.29 2.99
CA ASP A 368 39.32 34.62 3.21
C ASP A 368 40.07 35.70 2.54
N LYS A 369 40.85 35.33 1.54
CA LYS A 369 41.74 36.23 0.87
C LYS A 369 41.21 36.65 -0.46
N GLN A 370 39.94 36.32 -0.70
CA GLN A 370 39.26 36.71 -1.94
C GLN A 370 37.87 37.23 -1.63
N PRO A 371 37.32 38.05 -2.53
CA PRO A 371 36.00 38.63 -2.34
C PRO A 371 34.98 37.64 -1.77
N VAL A 372 35.00 36.41 -2.28
CA VAL A 372 34.13 35.37 -1.76
C VAL A 372 34.86 34.46 -0.78
N LYS A 373 34.48 34.52 0.49
CA LYS A 373 35.14 33.74 1.52
C LYS A 373 34.68 32.29 1.53
N VAL A 374 35.65 31.37 1.53
CA VAL A 374 35.34 29.94 1.55
C VAL A 374 35.10 29.43 2.98
N LEU A 375 34.00 28.70 3.16
CA LEU A 375 33.64 28.17 4.46
C LEU A 375 33.76 26.66 4.55
N VAL A 376 34.12 26.14 5.71
CA VAL A 376 34.05 24.72 5.99
C VAL A 376 33.49 24.54 7.39
N GLY A 377 33.43 23.28 7.85
CA GLY A 377 32.70 22.90 9.05
C GLY A 377 33.23 23.52 10.34
N LYS A 378 34.51 23.85 10.34
CA LYS A 378 35.16 24.33 11.54
C LYS A 378 34.96 25.78 11.82
N ASN A 379 34.89 26.57 10.77
CA ASN A 379 34.79 28.02 10.89
C ASN A 379 33.37 28.58 10.78
N PHE A 380 32.57 27.86 10.04
CA PHE A 380 31.20 28.21 9.81
C PHE A 380 30.50 28.95 10.93
N GLU A 381 30.33 28.31 12.06
CA GLU A 381 29.63 28.88 13.22
C GLU A 381 30.23 30.22 13.61
N ASP A 382 31.55 30.30 13.72
CA ASP A 382 32.13 31.53 14.16
C ASP A 382 32.21 32.58 13.08
N VAL A 383 32.08 32.14 11.83
CA VAL A 383 31.98 33.06 10.73
C VAL A 383 30.56 33.51 10.45
N ALA A 384 29.71 32.55 10.16
CA ALA A 384 28.31 32.85 9.80
C ALA A 384 27.55 33.52 10.94
N PHE A 385 27.74 33.04 12.14
CA PHE A 385 27.01 33.57 13.26
C PHE A 385 27.77 34.66 13.98
N ASP A 386 28.66 35.34 13.28
CA ASP A 386 29.37 36.44 13.87
C ASP A 386 28.42 37.57 14.17
N GLU A 387 28.42 38.03 15.39
CA GLU A 387 27.47 38.99 15.86
C GLU A 387 27.66 40.35 15.23
N LYS A 388 28.83 40.63 14.67
CA LYS A 388 29.10 41.91 14.03
C LYS A 388 29.24 41.80 12.51
N LYS A 389 28.69 40.74 11.94
CA LYS A 389 28.76 40.53 10.51
C LYS A 389 27.44 40.12 9.92
N ASN A 390 27.16 40.55 8.70
CA ASN A 390 26.01 40.10 7.92
C ASN A 390 26.46 39.09 6.87
N VAL A 391 26.44 37.83 7.23
CA VAL A 391 27.02 36.78 6.40
C VAL A 391 26.02 36.22 5.40
N PHE A 392 26.42 36.19 4.14
CA PHE A 392 25.59 35.63 3.08
C PHE A 392 26.30 34.41 2.49
N VAL A 393 25.78 33.23 2.80
CA VAL A 393 26.43 31.98 2.42
C VAL A 393 25.70 31.25 1.29
N GLU A 394 26.46 30.78 0.31
CA GLU A 394 25.91 29.94 -0.75
C GLU A 394 26.28 28.48 -0.53
N PHE A 395 25.32 27.67 -0.11
CA PHE A 395 25.54 26.25 0.09
C PHE A 395 25.44 25.52 -1.25
N TYR A 396 26.52 24.85 -1.66
CA TYR A 396 26.61 24.37 -3.04
C TYR A 396 27.14 22.94 -3.24
N ALA A 397 27.23 22.56 -4.52
CA ALA A 397 27.81 21.31 -4.97
C ALA A 397 28.28 21.49 -6.41
N PRO A 398 29.33 20.81 -6.83
CA PRO A 398 30.04 21.14 -8.06
C PRO A 398 29.43 20.65 -9.35
N TRP A 399 28.70 19.56 -9.28
CA TRP A 399 28.08 18.98 -10.45
C TRP A 399 26.73 19.60 -10.66
N CYS A 400 26.34 20.44 -9.70
CA CYS A 400 25.06 21.13 -9.78
C CYS A 400 25.09 22.26 -10.80
N GLY A 401 24.64 21.97 -12.01
CA GLY A 401 24.61 22.94 -13.08
C GLY A 401 24.07 24.28 -12.63
N HIS A 402 23.08 24.23 -11.74
CA HIS A 402 22.46 25.44 -11.23
C HIS A 402 23.39 26.18 -10.31
N CYS A 403 24.42 25.50 -9.84
CA CYS A 403 25.40 26.09 -8.94
C CYS A 403 26.69 26.42 -9.66
N LYS A 404 26.63 26.48 -10.99
CA LYS A 404 27.78 26.78 -11.78
C LYS A 404 27.27 27.75 -12.76
N GLN A 405 25.96 27.84 -12.85
CA GLN A 405 25.33 28.91 -13.57
C GLN A 405 25.31 30.10 -12.67
N LEU A 406 25.46 29.89 -11.39
CA LEU A 406 25.37 30.98 -10.41
C LEU A 406 26.76 31.43 -9.95
N ALA A 407 27.77 30.62 -10.25
CA ALA A 407 29.15 30.91 -9.85
C ALA A 407 29.71 32.28 -10.30
N PRO A 408 29.51 32.66 -11.57
CA PRO A 408 30.03 33.97 -11.97
C PRO A 408 29.29 35.12 -11.29
N ILE A 409 27.99 34.95 -11.06
CA ILE A 409 27.18 35.98 -10.43
C ILE A 409 27.53 36.13 -8.95
N TRP A 410 27.98 35.03 -8.34
CA TRP A 410 28.33 35.03 -6.93
C TRP A 410 29.69 35.66 -6.69
N ASP A 411 30.62 35.46 -7.61
CA ASP A 411 31.94 36.08 -7.50
C ASP A 411 31.85 37.58 -7.76
N LYS A 412 30.86 37.98 -8.56
CA LYS A 412 30.64 39.40 -8.82
C LYS A 412 30.01 40.06 -7.62
N LEU A 413 29.17 39.31 -6.92
CA LEU A 413 28.54 39.81 -5.71
C LEU A 413 29.61 40.02 -4.65
N GLY A 414 30.62 39.15 -4.65
CA GLY A 414 31.72 39.26 -3.71
C GLY A 414 32.60 40.46 -3.99
N GLU A 415 32.92 40.66 -5.26
CA GLU A 415 33.75 41.76 -5.67
C GLU A 415 33.08 43.08 -5.42
N THR A 416 31.79 43.08 -5.45
CA THR A 416 30.98 44.26 -5.16
C THR A 416 31.06 44.61 -3.67
N TYR A 417 31.11 43.57 -2.84
CA TYR A 417 31.16 43.76 -1.39
C TYR A 417 32.49 43.28 -0.79
N LYS A 418 33.54 43.32 -1.57
CA LYS A 418 34.86 42.93 -1.10
C LYS A 418 35.46 43.82 -0.04
N ASP A 419 35.12 45.10 -0.07
CA ASP A 419 35.64 46.06 0.89
C ASP A 419 34.56 46.56 1.85
N HIS A 420 33.44 45.84 1.90
CA HIS A 420 32.34 46.22 2.77
C HIS A 420 32.71 45.98 4.22
N GLU A 421 32.03 46.68 5.13
CA GLU A 421 32.39 46.65 6.54
C GLU A 421 31.79 45.48 7.28
N ASN A 422 30.51 45.22 7.03
CA ASN A 422 29.79 44.19 7.76
C ASN A 422 29.36 43.00 6.89
N ILE A 423 29.17 43.25 5.60
CA ILE A 423 28.72 42.22 4.68
C ILE A 423 29.87 41.32 4.21
N VAL A 424 29.71 40.01 4.40
CA VAL A 424 30.67 39.04 3.90
C VAL A 424 29.98 37.99 3.04
N ILE A 425 30.50 37.80 1.83
CA ILE A 425 29.91 36.84 0.90
C ILE A 425 30.66 35.51 0.96
N ALA A 426 29.94 34.44 1.28
CA ALA A 426 30.58 33.15 1.49
C ALA A 426 29.96 32.00 0.70
N LYS A 427 30.71 30.90 0.61
CA LYS A 427 30.24 29.68 -0.03
C LYS A 427 30.86 28.44 0.61
N MET A 428 30.03 27.42 0.82
CA MET A 428 30.50 26.17 1.40
C MET A 428 29.95 24.96 0.65
N ASP A 429 30.83 24.01 0.35
CA ASP A 429 30.42 22.74 -0.22
C ASP A 429 29.69 21.92 0.85
N SER A 430 28.38 21.83 0.64
CA SER A 430 27.57 21.20 1.66
C SER A 430 27.60 19.70 1.61
N THR A 431 28.37 19.17 0.69
CA THR A 431 28.60 17.76 0.65
C THR A 431 29.66 17.39 1.66
N ALA A 432 30.86 17.89 1.45
CA ALA A 432 32.01 17.49 2.25
C ALA A 432 31.98 18.13 3.64
N ASN A 433 30.93 18.90 3.89
CA ASN A 433 30.79 19.60 5.16
C ASN A 433 29.40 19.38 5.75
N GLU A 434 29.38 19.19 7.05
CA GLU A 434 28.14 19.12 7.73
C GLU A 434 28.16 20.05 8.92
N VAL A 435 27.07 20.72 9.12
CA VAL A 435 26.99 21.66 10.23
C VAL A 435 25.74 21.42 11.05
N GLU A 436 25.86 21.57 12.37
CA GLU A 436 24.75 21.31 13.27
C GLU A 436 23.71 22.41 13.20
N ALA A 437 24.18 23.63 12.99
CA ALA A 437 23.33 24.82 12.99
C ALA A 437 22.17 24.73 12.01
N VAL A 438 22.48 24.57 10.73
CA VAL A 438 21.46 24.52 9.69
C VAL A 438 21.68 23.35 8.74
N LYS A 439 20.64 22.85 8.14
CA LYS A 439 20.79 21.71 7.29
C LYS A 439 20.42 22.05 5.88
N VAL A 440 21.17 21.51 4.96
CA VAL A 440 20.95 21.75 3.54
C VAL A 440 21.15 20.47 2.74
N HIS A 441 20.16 20.11 1.92
CA HIS A 441 20.25 18.93 1.08
C HIS A 441 19.83 19.18 -0.36
N SER A 442 19.47 20.43 -0.66
CA SER A 442 19.11 20.82 -2.02
C SER A 442 19.89 22.06 -2.43
N PHE A 443 20.48 22.03 -3.63
CA PHE A 443 21.41 23.07 -4.04
C PHE A 443 20.98 23.76 -5.34
N PRO A 444 21.31 25.05 -5.50
CA PRO A 444 22.00 25.87 -4.49
C PRO A 444 21.04 26.48 -3.48
N THR A 445 21.48 26.59 -2.23
CA THR A 445 20.67 27.20 -1.18
C THR A 445 21.36 28.45 -0.63
N LEU A 446 20.66 29.58 -0.71
CA LEU A 446 21.20 30.85 -0.26
C LEU A 446 20.61 31.25 1.09
N LYS A 447 21.43 31.22 2.13
CA LYS A 447 21.00 31.63 3.46
C LYS A 447 21.76 32.84 3.95
N PHE A 448 21.09 33.71 4.68
CA PHE A 448 21.67 34.96 5.16
C PHE A 448 21.66 35.03 6.65
N PHE A 449 22.81 35.35 7.21
CA PHE A 449 22.97 35.38 8.66
C PHE A 449 23.21 36.80 9.14
N PRO A 450 22.15 37.47 9.62
CA PRO A 450 22.21 38.86 10.08
C PRO A 450 23.18 39.04 11.25
N ALA A 451 23.60 40.29 11.48
CA ALA A 451 24.53 40.60 12.57
C ALA A 451 23.78 40.80 13.88
N SER A 452 23.45 39.70 14.55
CA SER A 452 22.76 39.75 15.83
C SER A 452 23.22 38.64 16.75
N ALA A 453 22.76 38.68 18.00
CA ALA A 453 23.21 37.73 19.01
C ALA A 453 22.36 36.46 19.06
N ASP A 454 21.09 36.59 18.65
CA ASP A 454 20.14 35.48 18.77
C ASP A 454 20.29 34.42 17.67
N ARG A 455 21.36 34.47 16.91
CA ARG A 455 21.62 33.51 15.85
C ARG A 455 20.49 33.39 14.85
N THR A 456 19.97 34.51 14.40
CA THR A 456 18.89 34.50 13.44
C THR A 456 19.32 34.05 12.05
N VAL A 457 18.45 33.33 11.36
CA VAL A 457 18.72 32.94 9.98
C VAL A 457 17.56 33.27 9.11
N ILE A 458 17.85 33.74 7.92
CA ILE A 458 16.81 34.03 6.93
C ILE A 458 17.16 33.44 5.56
N ASP A 459 16.23 32.70 4.98
CA ASP A 459 16.40 32.13 3.65
C ASP A 459 16.18 33.18 2.57
N TYR A 460 16.94 33.07 1.49
CA TYR A 460 16.75 33.93 0.32
C TYR A 460 16.16 33.15 -0.84
N ASN A 461 14.89 33.37 -1.09
CA ASN A 461 14.23 32.68 -2.13
C ASN A 461 13.76 33.61 -3.16
N GLY A 462 14.45 34.72 -3.29
CA GLY A 462 14.15 35.76 -4.26
C GLY A 462 14.87 35.56 -5.57
N GLU A 463 14.87 36.59 -6.41
CA GLU A 463 15.51 36.54 -7.71
C GLU A 463 17.02 36.32 -7.59
N ARG A 464 17.51 35.28 -8.28
CA ARG A 464 18.93 34.93 -8.23
C ARG A 464 19.78 35.85 -9.10
N THR A 465 19.58 37.15 -8.92
CA THR A 465 20.28 38.15 -9.71
C THR A 465 21.11 39.07 -8.82
N LEU A 466 22.13 39.69 -9.39
CA LEU A 466 22.98 40.64 -8.67
C LEU A 466 22.16 41.83 -8.16
N ASP A 467 21.13 42.18 -8.92
CA ASP A 467 20.22 43.25 -8.53
C ASP A 467 19.42 42.79 -7.33
N GLY A 468 19.00 41.53 -7.37
CA GLY A 468 18.21 40.95 -6.30
C GLY A 468 19.04 40.76 -5.04
N PHE A 469 20.28 40.32 -5.22
CA PHE A 469 21.20 40.13 -4.10
C PHE A 469 21.48 41.47 -3.42
N LYS A 470 21.74 42.49 -4.23
CA LYS A 470 22.05 43.82 -3.70
C LYS A 470 20.84 44.46 -3.04
N LYS A 471 19.68 44.32 -3.66
CA LYS A 471 18.44 44.88 -3.12
C LYS A 471 18.11 44.26 -1.77
N PHE A 472 18.55 43.02 -1.58
CA PHE A 472 18.22 42.24 -0.39
C PHE A 472 19.18 42.49 0.78
N LEU A 473 20.46 42.70 0.47
CA LEU A 473 21.47 42.90 1.51
C LEU A 473 21.34 44.26 2.18
N GLU A 474 21.27 45.32 1.38
CA GLU A 474 21.22 46.68 1.91
C GLU A 474 19.94 46.91 2.72
N SER A 475 18.93 46.17 2.36
CA SER A 475 17.64 46.30 2.96
C SER A 475 17.50 45.37 4.14
N GLY A 476 18.63 45.05 4.75
CA GLY A 476 18.70 44.30 5.99
C GLY A 476 18.21 42.86 5.91
N GLY A 477 17.44 42.56 4.87
CA GLY A 477 16.83 41.26 4.72
C GLY A 477 15.34 41.32 4.98
N GLN A 478 14.89 42.49 5.39
CA GLN A 478 13.47 42.70 5.69
C GLN A 478 12.67 42.86 4.40
N ASP A 479 13.36 43.19 3.33
CA ASP A 479 12.76 43.22 1.98
C ASP A 479 13.47 42.27 1.02
N GLY A 480 12.74 41.28 0.53
CA GLY A 480 13.31 40.32 -0.40
C GLY A 480 12.85 38.91 -0.11
N ALA A 481 13.30 37.96 -0.94
CA ALA A 481 12.95 36.55 -0.80
C ALA A 481 11.43 36.33 -0.83
N ASP B 21 17.12 16.48 7.97
CA ASP B 21 15.78 16.99 7.71
C ASP B 21 15.03 16.10 6.72
N ALA B 22 15.78 15.40 5.88
CA ALA B 22 15.20 14.50 4.89
C ALA B 22 16.19 13.46 4.41
N PRO B 23 15.80 12.68 3.42
CA PRO B 23 16.67 11.63 2.86
C PRO B 23 17.54 12.14 1.73
N GLU B 24 17.63 11.37 0.65
CA GLU B 24 18.44 11.74 -0.50
C GLU B 24 17.73 12.74 -1.40
N GLU B 25 16.76 13.46 -0.83
CA GLU B 25 15.99 14.44 -1.58
C GLU B 25 16.83 15.13 -2.65
N GLU B 26 16.34 15.11 -3.88
CA GLU B 26 16.99 15.79 -5.00
C GLU B 26 16.16 16.99 -5.42
N ASP B 27 16.70 18.18 -5.20
CA ASP B 27 15.99 19.44 -5.47
C ASP B 27 14.66 19.47 -4.73
N HIS B 28 14.73 19.30 -3.41
CA HIS B 28 13.56 19.35 -2.53
C HIS B 28 12.52 18.27 -2.84
N VAL B 29 12.91 17.26 -3.61
CA VAL B 29 12.02 16.15 -3.94
C VAL B 29 12.51 14.88 -3.25
N LEU B 30 11.69 14.36 -2.33
CA LEU B 30 12.06 13.17 -1.56
C LEU B 30 12.32 11.97 -2.45
N VAL B 31 13.44 11.31 -2.22
CA VAL B 31 13.71 10.04 -2.88
C VAL B 31 13.17 8.90 -2.04
N LEU B 32 11.99 8.40 -2.42
CA LEU B 32 11.35 7.32 -1.66
C LEU B 32 11.70 5.94 -2.20
N ARG B 33 11.95 5.01 -1.28
CA ARG B 33 12.26 3.62 -1.57
C ARG B 33 11.33 2.68 -0.82
N LYS B 34 11.40 1.39 -1.14
CA LYS B 34 10.51 0.39 -0.55
C LYS B 34 10.63 0.36 0.97
N SER B 35 11.80 0.71 1.47
CA SER B 35 12.08 0.61 2.89
C SER B 35 11.64 1.80 3.68
N ASN B 36 11.62 2.95 3.03
CA ASN B 36 11.28 4.20 3.72
C ASN B 36 9.94 4.81 3.32
N PHE B 37 9.22 4.13 2.44
CA PHE B 37 7.97 4.65 1.92
C PHE B 37 6.91 4.87 3.00
N ALA B 38 6.71 3.87 3.85
CA ALA B 38 5.68 3.94 4.88
C ALA B 38 5.97 5.00 5.93
N GLU B 39 7.23 5.41 6.02
CA GLU B 39 7.62 6.42 6.99
C GLU B 39 7.25 7.81 6.50
N ALA B 40 7.40 8.03 5.20
CA ALA B 40 7.08 9.32 4.60
C ALA B 40 5.59 9.61 4.68
N LEU B 41 4.79 8.55 4.55
CA LEU B 41 3.34 8.66 4.65
C LEU B 41 2.94 9.12 6.05
N ALA B 42 3.62 8.59 7.06
CA ALA B 42 3.33 8.92 8.45
C ALA B 42 3.93 10.27 8.85
N ALA B 43 5.14 10.53 8.38
CA ALA B 43 5.83 11.78 8.73
C ALA B 43 5.23 12.98 8.03
N HIS B 44 4.68 12.77 6.84
CA HIS B 44 4.11 13.86 6.06
C HIS B 44 2.61 13.70 5.85
N LYS B 45 1.85 14.70 6.29
CA LYS B 45 0.40 14.69 6.15
C LYS B 45 0.01 14.72 4.68
N TYR B 46 0.64 15.63 3.93
CA TYR B 46 0.36 15.74 2.50
C TYR B 46 1.59 15.32 1.71
N LEU B 47 1.48 14.20 0.99
CA LEU B 47 2.60 13.66 0.23
C LEU B 47 2.21 13.36 -1.20
N LEU B 48 2.88 14.02 -2.16
CA LEU B 48 2.66 13.75 -3.57
C LEU B 48 3.81 12.94 -4.13
N VAL B 49 3.49 11.79 -4.72
CA VAL B 49 4.51 10.86 -5.18
C VAL B 49 4.48 10.65 -6.70
N GLU B 50 5.58 10.99 -7.36
CA GLU B 50 5.72 10.72 -8.78
C GLU B 50 6.36 9.36 -9.02
N PHE B 51 5.62 8.46 -9.63
CA PHE B 51 6.17 7.15 -9.99
C PHE B 51 6.78 7.21 -11.39
N TYR B 52 8.11 7.12 -11.46
CA TYR B 52 8.83 7.33 -12.70
C TYR B 52 9.75 6.19 -13.12
N ALA B 53 10.12 6.24 -14.40
CA ALA B 53 11.14 5.37 -14.96
C ALA B 53 12.18 6.22 -15.68
N PRO B 54 13.44 5.81 -15.62
CA PRO B 54 14.54 6.58 -16.21
C PRO B 54 14.47 6.66 -17.73
N TRP B 55 13.67 5.81 -18.36
CA TRP B 55 13.55 5.80 -19.81
C TRP B 55 12.30 6.49 -20.34
N CYS B 56 11.31 6.70 -19.47
CA CYS B 56 10.10 7.44 -19.74
CA CYS B 56 10.07 7.52 -19.84
C CYS B 56 10.45 8.84 -20.25
N GLY B 57 9.94 9.19 -21.42
CA GLY B 57 10.31 10.46 -22.06
C GLY B 57 9.53 11.62 -21.49
N HIS B 58 8.39 11.32 -20.87
CA HIS B 58 7.55 12.34 -20.29
C HIS B 58 7.92 12.61 -18.86
N CYS B 59 8.77 11.74 -18.30
CA CYS B 59 9.31 11.64 -16.96
CA CYS B 59 9.27 11.69 -16.97
C CYS B 59 10.55 12.53 -16.81
N LYS B 60 11.14 12.82 -17.96
CA LYS B 60 12.32 13.64 -18.01
C LYS B 60 11.96 15.05 -18.22
N ALA B 61 10.80 15.25 -18.78
CA ALA B 61 10.30 16.60 -19.01
C ALA B 61 9.59 17.15 -17.78
N LEU B 62 9.03 16.25 -16.98
CA LEU B 62 8.32 16.62 -15.77
C LEU B 62 9.28 16.85 -14.61
N ALA B 63 10.40 16.15 -14.63
CA ALA B 63 11.39 16.21 -13.56
C ALA B 63 11.82 17.62 -13.13
N PRO B 64 12.12 18.51 -14.09
CA PRO B 64 12.43 19.88 -13.65
C PRO B 64 11.21 20.57 -13.06
N GLU B 65 10.05 20.41 -13.69
CA GLU B 65 8.82 21.06 -13.23
C GLU B 65 8.37 20.52 -11.88
N TYR B 66 8.58 19.22 -11.67
CA TYR B 66 8.21 18.59 -10.41
C TYR B 66 9.10 19.10 -9.29
N ALA B 67 10.34 19.43 -9.63
CA ALA B 67 11.30 19.95 -8.66
C ALA B 67 11.10 21.44 -8.40
N LYS B 68 10.71 22.17 -9.45
CA LYS B 68 10.43 23.60 -9.33
C LYS B 68 9.25 23.83 -8.39
N ALA B 69 8.27 22.94 -8.43
CA ALA B 69 7.11 23.03 -7.56
C ALA B 69 7.50 22.72 -6.12
N ALA B 70 8.41 21.78 -5.95
CA ALA B 70 8.89 21.39 -4.62
C ALA B 70 9.62 22.56 -3.96
N GLY B 71 10.49 23.21 -4.71
CA GLY B 71 11.24 24.35 -4.21
C GLY B 71 10.33 25.55 -3.95
N LYS B 72 9.31 25.71 -4.78
CA LYS B 72 8.37 26.81 -4.61
C LYS B 72 7.52 26.66 -3.35
N LEU B 73 7.12 25.45 -3.08
CA LEU B 73 6.35 25.19 -1.90
C LEU B 73 7.15 25.37 -0.65
N LYS B 74 8.40 24.97 -0.69
CA LYS B 74 9.31 25.14 0.44
C LYS B 74 9.57 26.63 0.72
N ALA B 75 9.72 27.41 -0.34
CA ALA B 75 9.98 28.84 -0.20
C ALA B 75 8.82 29.54 0.49
N GLU B 76 7.71 28.85 0.54
CA GLU B 76 6.51 29.37 1.11
C GLU B 76 6.44 28.94 2.53
N GLY B 77 7.05 27.81 2.78
CA GLY B 77 7.09 27.20 4.09
C GLY B 77 5.98 26.19 4.27
N SER B 78 5.74 25.39 3.23
CA SER B 78 4.65 24.42 3.24
C SER B 78 5.09 23.08 3.81
N GLU B 79 4.16 22.42 4.50
CA GLU B 79 4.44 21.11 5.07
C GLU B 79 4.34 20.03 3.99
N ILE B 80 3.71 20.39 2.87
CA ILE B 80 3.56 19.48 1.74
C ILE B 80 4.91 19.14 1.13
N ARG B 81 5.22 17.85 1.09
CA ARG B 81 6.45 17.39 0.45
C ARG B 81 6.16 16.65 -0.85
N LEU B 82 7.04 16.81 -1.83
CA LEU B 82 6.93 16.08 -3.08
C LEU B 82 7.96 14.96 -3.11
N ALA B 83 7.53 13.77 -3.50
CA ALA B 83 8.42 12.61 -3.53
C ALA B 83 8.37 11.90 -4.89
N LYS B 84 9.34 11.02 -5.13
CA LYS B 84 9.37 10.25 -6.36
C LYS B 84 9.84 8.82 -6.14
N VAL B 85 9.46 7.94 -7.07
CA VAL B 85 9.84 6.53 -6.99
C VAL B 85 10.31 6.00 -8.34
N ASP B 86 11.55 5.52 -8.38
CA ASP B 86 12.05 4.85 -9.57
C ASP B 86 11.52 3.43 -9.58
N ALA B 87 10.52 3.18 -10.43
CA ALA B 87 9.84 1.90 -10.45
C ALA B 87 10.68 0.78 -11.08
N THR B 88 11.83 1.13 -11.63
CA THR B 88 12.72 0.14 -12.23
C THR B 88 13.63 -0.48 -11.19
N GLU B 89 13.76 0.20 -10.05
CA GLU B 89 14.59 -0.29 -8.95
C GLU B 89 13.73 -0.77 -7.79
N GLU B 90 12.48 -0.36 -7.78
CA GLU B 90 11.56 -0.79 -6.75
C GLU B 90 10.58 -1.81 -7.25
N SER B 91 9.96 -1.50 -8.37
CA SER B 91 9.07 -2.45 -9.02
C SER B 91 7.89 -2.88 -8.15
N ASP B 92 8.19 -3.45 -6.99
CA ASP B 92 7.16 -4.02 -6.17
C ASP B 92 6.35 -2.96 -5.53
N LEU B 93 6.96 -1.81 -5.42
CA LEU B 93 6.30 -0.64 -4.90
C LEU B 93 5.27 -0.12 -5.91
N ALA B 94 5.65 -0.11 -7.19
CA ALA B 94 4.75 0.34 -8.25
C ALA B 94 3.49 -0.52 -8.33
N GLN B 95 3.67 -1.84 -8.21
CA GLN B 95 2.56 -2.78 -8.30
C GLN B 95 1.72 -2.79 -7.03
N GLN B 96 2.28 -2.31 -5.93
CA GLN B 96 1.55 -2.19 -4.68
C GLN B 96 0.49 -1.09 -4.73
N TYR B 97 0.54 -0.32 -5.82
CA TYR B 97 -0.30 0.84 -6.02
C TYR B 97 -0.91 0.89 -7.37
N GLY B 98 -0.96 -0.26 -8.01
CA GLY B 98 -1.64 -0.43 -9.29
C GLY B 98 -1.34 0.66 -10.31
N VAL B 99 -0.06 0.86 -10.60
CA VAL B 99 0.36 1.90 -11.53
C VAL B 99 0.12 1.52 -12.98
N ARG B 100 -0.56 2.40 -13.71
CA ARG B 100 -0.83 2.17 -15.13
C ARG B 100 0.08 3.03 -15.99
N GLY B 101 1.29 2.54 -16.24
CA GLY B 101 2.28 3.26 -17.01
C GLY B 101 2.89 4.41 -16.22
N TYR B 102 3.80 5.14 -16.86
CA TYR B 102 4.49 6.25 -16.22
C TYR B 102 4.47 7.46 -17.14
N PRO B 103 4.45 8.67 -16.54
CA PRO B 103 4.48 8.94 -15.11
C PRO B 103 3.12 8.88 -14.44
N THR B 104 3.09 8.36 -13.21
CA THR B 104 1.87 8.33 -12.42
C THR B 104 2.08 9.12 -11.13
N ILE B 105 1.17 10.05 -10.85
CA ILE B 105 1.30 10.90 -9.68
C ILE B 105 0.17 10.66 -8.69
N LYS B 106 0.48 10.09 -7.55
CA LYS B 106 -0.52 9.85 -6.51
C LYS B 106 -0.35 10.79 -5.32
N PHE B 107 -1.47 11.28 -4.81
CA PHE B 107 -1.46 12.18 -3.66
C PHE B 107 -1.99 11.46 -2.41
N PHE B 108 -1.12 11.31 -1.41
CA PHE B 108 -1.50 10.63 -0.18
C PHE B 108 -1.76 11.64 0.93
N ARG B 109 -2.96 11.59 1.50
CA ARG B 109 -3.35 12.50 2.57
C ARG B 109 -3.51 11.76 3.89
N ASN B 110 -2.83 12.26 4.93
CA ASN B 110 -2.90 11.65 6.26
C ASN B 110 -2.29 10.25 6.28
N GLY B 111 -1.40 9.99 5.32
CA GLY B 111 -0.75 8.70 5.23
C GLY B 111 -1.70 7.56 4.92
N ASP B 112 -2.83 7.90 4.30
CA ASP B 112 -3.84 6.90 3.97
C ASP B 112 -3.54 6.22 2.64
N THR B 113 -3.11 4.96 2.72
CA THR B 113 -2.81 4.19 1.52
C THR B 113 -4.08 3.68 0.86
N ALA B 114 -5.17 3.64 1.62
CA ALA B 114 -6.42 3.07 1.14
C ALA B 114 -7.22 4.01 0.25
N SER B 115 -6.96 5.31 0.36
CA SER B 115 -7.68 6.28 -0.45
C SER B 115 -6.77 7.36 -1.02
N PRO B 116 -5.87 7.00 -1.95
CA PRO B 116 -4.98 7.99 -2.55
C PRO B 116 -5.63 8.69 -3.74
N LYS B 117 -5.39 9.99 -3.87
CA LYS B 117 -5.91 10.77 -4.98
C LYS B 117 -4.86 10.86 -6.09
N GLU B 118 -5.26 10.46 -7.30
CA GLU B 118 -4.38 10.60 -8.42
C GLU B 118 -4.32 12.00 -8.96
N TYR B 119 -3.12 12.46 -9.24
CA TYR B 119 -2.97 13.78 -9.81
C TYR B 119 -3.18 13.74 -11.31
N THR B 120 -4.13 14.50 -11.81
CA THR B 120 -4.50 14.40 -13.19
C THR B 120 -4.28 15.69 -13.95
N ALA B 121 -4.02 16.75 -13.21
CA ALA B 121 -3.92 18.08 -13.81
C ALA B 121 -2.69 18.27 -14.71
N GLY B 122 -2.34 19.53 -14.96
CA GLY B 122 -1.21 19.86 -15.81
C GLY B 122 0.12 19.46 -15.22
N ARG B 123 1.18 19.59 -15.99
CA ARG B 123 2.49 19.12 -15.54
C ARG B 123 3.57 20.20 -15.52
N GLU B 124 3.19 21.39 -15.11
CA GLU B 124 4.06 22.51 -14.93
C GLU B 124 4.14 22.78 -13.44
N ALA B 125 5.12 23.55 -12.97
CA ALA B 125 5.29 23.78 -11.54
C ALA B 125 4.07 24.45 -10.90
N ASP B 126 3.53 25.45 -11.56
CA ASP B 126 2.55 26.28 -10.87
C ASP B 126 1.14 25.80 -10.90
N ASP B 127 0.81 24.85 -11.76
CA ASP B 127 -0.49 24.19 -11.68
C ASP B 127 -0.45 22.95 -10.81
N ILE B 128 0.75 22.40 -10.63
CA ILE B 128 0.96 21.33 -9.66
C ILE B 128 0.78 21.89 -8.26
N VAL B 129 1.38 23.06 -8.03
CA VAL B 129 1.29 23.76 -6.76
C VAL B 129 -0.16 24.13 -6.42
N ASN B 130 -0.87 24.67 -7.40
CA ASN B 130 -2.26 25.09 -7.21
C ASN B 130 -3.18 23.91 -6.88
N TRP B 131 -2.97 22.79 -7.55
CA TRP B 131 -3.73 21.58 -7.31
C TRP B 131 -3.56 21.10 -5.89
N LEU B 132 -2.39 21.30 -5.32
CA LEU B 132 -2.12 20.90 -3.94
C LEU B 132 -2.75 21.87 -2.94
N LYS B 133 -2.68 23.17 -3.24
CA LYS B 133 -3.22 24.18 -2.35
C LYS B 133 -4.74 24.07 -2.18
N LYS B 134 -5.42 23.60 -3.22
CA LYS B 134 -6.87 23.46 -3.19
C LYS B 134 -7.30 22.39 -2.18
N ARG B 135 -6.59 21.28 -2.18
CA ARG B 135 -6.98 20.11 -1.38
C ARG B 135 -6.07 19.85 -0.18
N THR B 136 -5.48 20.90 0.37
CA THR B 136 -4.70 20.78 1.59
C THR B 136 -5.18 21.76 2.67
N GLY B 137 -4.63 21.63 3.86
CA GLY B 137 -5.09 22.41 5.00
C GLY B 137 -6.19 21.69 5.75
N PRO B 138 -6.81 22.36 6.69
CA PRO B 138 -7.88 21.80 7.51
C PRO B 138 -9.09 21.29 6.71
N ALA B 139 -9.60 20.15 7.13
CA ALA B 139 -10.64 19.47 6.33
C ALA B 139 -12.02 20.07 6.54
N ALA B 140 -12.13 21.02 7.46
CA ALA B 140 -13.41 21.67 7.72
C ALA B 140 -13.28 23.19 7.61
N THR B 141 -14.16 23.80 6.83
CA THR B 141 -14.15 25.25 6.66
C THR B 141 -14.92 25.94 7.78
N THR B 142 -14.24 26.83 8.50
CA THR B 142 -14.84 27.54 9.62
C THR B 142 -15.86 28.57 9.15
N LEU B 143 -17.07 28.48 9.69
CA LEU B 143 -18.15 29.38 9.30
C LEU B 143 -18.41 30.40 10.40
N PRO B 144 -18.14 31.68 10.11
CA PRO B 144 -18.34 32.76 11.08
C PRO B 144 -19.72 33.41 11.00
N ASP B 145 -20.34 33.39 9.82
CA ASP B 145 -21.64 34.00 9.63
C ASP B 145 -22.61 33.07 8.89
N GLY B 146 -23.83 33.55 8.69
CA GLY B 146 -24.84 32.76 7.98
C GLY B 146 -24.57 32.71 6.49
N ALA B 147 -23.70 33.59 6.02
CA ALA B 147 -23.36 33.67 4.60
C ALA B 147 -22.41 32.54 4.21
N ALA B 148 -21.41 32.28 5.05
CA ALA B 148 -20.43 31.23 4.78
C ALA B 148 -21.07 29.85 4.89
N ALA B 149 -21.99 29.69 5.83
CA ALA B 149 -22.72 28.45 6.00
C ALA B 149 -23.62 28.21 4.79
N GLU B 150 -24.34 29.22 4.34
CA GLU B 150 -25.14 29.10 3.16
C GLU B 150 -24.29 28.70 2.01
N SER B 151 -23.24 29.46 1.74
CA SER B 151 -22.38 29.21 0.59
C SER B 151 -21.86 27.77 0.57
N LEU B 152 -21.55 27.23 1.72
CA LEU B 152 -21.04 25.88 1.82
C LEU B 152 -22.06 24.90 1.38
N VAL B 153 -23.24 25.01 1.94
CA VAL B 153 -24.32 24.13 1.60
C VAL B 153 -24.68 24.21 0.12
N GLU B 154 -24.70 25.42 -0.42
CA GLU B 154 -25.06 25.64 -1.81
C GLU B 154 -23.97 25.18 -2.77
N SER B 155 -22.73 25.13 -2.29
CA SER B 155 -21.59 24.82 -3.14
C SER B 155 -21.46 23.34 -3.51
N SER B 156 -22.31 22.50 -2.94
CA SER B 156 -22.26 21.07 -3.22
C SER B 156 -23.60 20.37 -3.05
N GLU B 157 -23.73 19.21 -3.69
CA GLU B 157 -24.96 18.44 -3.63
C GLU B 157 -25.18 17.92 -2.20
N VAL B 158 -24.10 17.59 -1.53
CA VAL B 158 -24.15 17.16 -0.12
C VAL B 158 -23.11 17.89 0.70
N ALA B 159 -23.53 18.47 1.82
CA ALA B 159 -22.62 19.19 2.71
C ALA B 159 -22.93 18.93 4.18
N VAL B 160 -21.89 18.73 4.98
CA VAL B 160 -22.04 18.47 6.40
C VAL B 160 -21.54 19.63 7.24
N ILE B 161 -22.36 20.09 8.18
CA ILE B 161 -21.96 21.18 9.07
C ILE B 161 -22.03 20.78 10.53
N GLY B 162 -20.92 21.00 11.24
CA GLY B 162 -20.86 20.72 12.67
C GLY B 162 -21.11 21.97 13.48
N PHE B 163 -21.95 21.85 14.50
CA PHE B 163 -22.29 22.99 15.35
C PHE B 163 -21.73 22.76 16.75
N PHE B 164 -20.64 23.45 17.07
CA PHE B 164 -19.99 23.28 18.36
C PHE B 164 -19.58 24.61 18.99
N LYS B 165 -20.25 24.98 20.08
CA LYS B 165 -19.91 26.18 20.83
C LYS B 165 -18.50 26.06 21.40
N ASP B 166 -18.20 24.91 22.00
CA ASP B 166 -16.85 24.63 22.47
C ASP B 166 -16.14 23.72 21.47
N VAL B 167 -15.31 24.33 20.62
CA VAL B 167 -14.64 23.61 19.54
C VAL B 167 -13.50 22.72 20.04
N GLU B 168 -13.35 22.62 21.33
CA GLU B 168 -12.24 21.88 21.87
C GLU B 168 -12.73 20.64 22.53
N SER B 169 -14.01 20.40 22.41
CA SER B 169 -14.62 19.19 22.96
C SER B 169 -14.25 17.98 22.11
N ASP B 170 -14.49 16.79 22.66
CA ASP B 170 -14.25 15.55 21.92
C ASP B 170 -15.16 15.48 20.72
N SER B 171 -16.41 15.89 20.92
CA SER B 171 -17.41 15.91 19.87
C SER B 171 -16.96 16.77 18.70
N ALA B 172 -16.36 17.92 19.01
CA ALA B 172 -15.85 18.82 17.99
C ALA B 172 -14.62 18.22 17.32
N LYS B 173 -13.77 17.59 18.12
CA LYS B 173 -12.56 16.96 17.61
C LYS B 173 -12.89 15.72 16.78
N GLN B 174 -13.78 14.87 17.29
CA GLN B 174 -14.23 13.70 16.55
C GLN B 174 -14.94 14.07 15.26
N PHE B 175 -15.54 15.25 15.25
CA PHE B 175 -16.16 15.77 14.03
C PHE B 175 -15.10 16.12 13.00
N LEU B 176 -14.06 16.81 13.45
CA LEU B 176 -12.94 17.17 12.57
C LEU B 176 -12.21 15.91 12.12
N GLN B 177 -12.24 14.88 12.96
CA GLN B 177 -11.68 13.58 12.61
C GLN B 177 -12.44 12.98 11.44
N ALA B 178 -13.76 13.01 11.52
CA ALA B 178 -14.61 12.49 10.47
C ALA B 178 -14.51 13.33 9.20
N ALA B 179 -14.26 14.62 9.37
CA ALA B 179 -14.14 15.54 8.24
C ALA B 179 -12.83 15.31 7.48
N GLU B 180 -11.86 14.72 8.16
CA GLU B 180 -10.55 14.45 7.55
C GLU B 180 -10.57 13.14 6.79
N ALA B 181 -11.43 12.22 7.21
CA ALA B 181 -11.54 10.92 6.57
C ALA B 181 -12.18 11.04 5.18
N ILE B 182 -13.22 11.86 5.08
CA ILE B 182 -13.90 12.06 3.80
C ILE B 182 -13.33 13.23 3.03
N ASP B 183 -13.46 13.20 1.71
CA ASP B 183 -12.93 14.26 0.86
C ASP B 183 -13.90 14.64 -0.24
N ASP B 184 -14.88 13.78 -0.49
CA ASP B 184 -15.87 14.02 -1.53
C ASP B 184 -17.04 14.86 -1.01
N ILE B 185 -16.92 15.31 0.23
CA ILE B 185 -17.96 16.12 0.86
C ILE B 185 -17.37 17.27 1.62
N PRO B 186 -17.82 18.49 1.34
CA PRO B 186 -17.34 19.68 2.04
C PRO B 186 -17.88 19.75 3.46
N PHE B 187 -16.97 19.87 4.43
CA PHE B 187 -17.35 19.96 5.84
C PHE B 187 -17.25 21.39 6.35
N GLY B 188 -18.27 21.83 7.07
CA GLY B 188 -18.26 23.14 7.69
C GLY B 188 -18.36 23.02 9.20
N ILE B 189 -17.80 24.00 9.91
CA ILE B 189 -17.87 24.01 11.36
C ILE B 189 -18.05 25.42 11.90
N THR B 190 -18.89 25.58 12.91
CA THR B 190 -19.18 26.89 13.46
C THR B 190 -19.36 26.88 14.99
N SER B 191 -19.06 28.01 15.61
CA SER B 191 -19.32 28.19 17.03
C SER B 191 -20.29 29.36 17.18
N ASN B 192 -20.54 30.02 16.09
CA ASN B 192 -21.48 31.08 16.05
C ASN B 192 -22.84 30.62 16.43
N SER B 193 -23.41 31.25 17.43
CA SER B 193 -24.74 30.87 17.89
C SER B 193 -25.86 31.53 17.10
N ASP B 194 -25.50 32.27 16.09
CA ASP B 194 -26.47 32.81 15.17
C ASP B 194 -26.71 31.77 14.07
N VAL B 195 -25.68 31.03 13.74
CA VAL B 195 -25.75 29.94 12.78
C VAL B 195 -26.48 28.76 13.41
N PHE B 196 -26.35 28.63 14.73
CA PHE B 196 -27.12 27.66 15.48
C PHE B 196 -28.59 27.97 15.34
N SER B 197 -28.92 29.24 15.52
CA SER B 197 -30.31 29.70 15.46
C SER B 197 -30.86 29.68 14.03
N LYS B 198 -29.99 29.99 13.07
CA LYS B 198 -30.38 30.02 11.66
C LYS B 198 -30.89 28.67 11.19
N TYR B 199 -30.20 27.65 11.67
CA TYR B 199 -30.49 26.27 11.35
C TYR B 199 -31.18 25.56 12.49
N GLN B 200 -31.93 26.31 13.27
CA GLN B 200 -32.74 25.80 14.34
C GLN B 200 -32.08 24.80 15.23
N LEU B 201 -31.08 25.25 15.98
CA LEU B 201 -30.37 24.39 16.88
C LEU B 201 -30.19 25.05 18.23
N ASP B 202 -30.84 24.47 19.24
CA ASP B 202 -30.76 24.96 20.61
C ASP B 202 -29.43 24.59 21.26
N LYS B 203 -28.91 23.41 20.92
CA LYS B 203 -27.63 22.95 21.45
C LYS B 203 -26.68 22.55 20.32
N ASP B 204 -25.66 21.80 20.68
CA ASP B 204 -24.67 21.37 19.72
C ASP B 204 -25.23 20.24 18.86
N GLY B 205 -24.65 19.99 17.71
CA GLY B 205 -25.11 18.93 16.82
C GLY B 205 -24.45 18.95 15.46
N VAL B 206 -24.76 17.94 14.65
CA VAL B 206 -24.22 17.82 13.31
C VAL B 206 -25.36 17.64 12.30
N VAL B 207 -25.37 18.47 11.26
CA VAL B 207 -26.44 18.43 10.27
C VAL B 207 -25.91 18.16 8.87
N LEU B 208 -26.44 17.11 8.23
CA LEU B 208 -26.09 16.81 6.85
C LEU B 208 -27.09 17.47 5.91
N PHE B 209 -26.58 18.20 4.92
CA PHE B 209 -27.43 18.86 3.95
C PHE B 209 -27.31 18.20 2.57
N LYS B 210 -28.42 18.09 1.87
CA LYS B 210 -28.44 17.48 0.54
C LYS B 210 -29.44 18.18 -0.38
N LYS B 211 -29.15 18.15 -1.68
CA LYS B 211 -30.03 18.77 -2.67
C LYS B 211 -31.01 17.77 -3.25
N PHE B 212 -31.47 16.85 -2.41
CA PHE B 212 -32.42 15.82 -2.84
C PHE B 212 -33.20 15.24 -1.65
N ASP B 213 -34.35 14.65 -1.94
CA ASP B 213 -35.21 14.03 -0.93
C ASP B 213 -35.62 15.00 0.17
N GLU B 214 -35.46 14.54 1.41
CA GLU B 214 -35.77 15.33 2.60
C GLU B 214 -34.94 16.61 2.65
N GLY B 215 -33.75 16.58 2.05
CA GLY B 215 -32.93 17.75 1.90
C GLY B 215 -32.04 18.07 3.08
N ARG B 216 -32.29 17.42 4.21
CA ARG B 216 -31.59 17.73 5.42
C ARG B 216 -31.70 16.63 6.48
N ASN B 217 -30.58 16.18 7.01
CA ASN B 217 -30.52 15.14 8.05
C ASN B 217 -29.76 15.55 9.27
N ASN B 218 -30.32 15.32 10.43
CA ASN B 218 -29.72 15.66 11.71
C ASN B 218 -29.12 14.45 12.41
N PHE B 219 -27.89 14.60 12.89
CA PHE B 219 -27.21 13.56 13.63
C PHE B 219 -27.57 13.62 15.12
N GLU B 220 -27.93 12.47 15.63
CA GLU B 220 -28.28 12.34 17.02
C GLU B 220 -27.46 11.24 17.69
N GLY B 221 -27.15 11.45 18.96
CA GLY B 221 -26.35 10.46 19.65
C GLY B 221 -24.97 10.95 20.04
N GLU B 222 -24.11 10.02 20.44
CA GLU B 222 -22.75 10.36 20.84
C GLU B 222 -21.92 10.74 19.62
N VAL B 223 -21.41 11.95 19.62
CA VAL B 223 -20.64 12.44 18.48
C VAL B 223 -19.23 11.89 18.46
N THR B 224 -19.05 10.77 17.76
CA THR B 224 -17.73 10.19 17.58
C THR B 224 -17.47 10.04 16.09
N LYS B 225 -16.20 9.92 15.73
CA LYS B 225 -15.80 9.83 14.32
C LYS B 225 -16.48 8.66 13.62
N GLU B 226 -16.70 7.59 14.31
CA GLU B 226 -17.18 6.41 13.66
C GLU B 226 -18.65 6.48 13.41
N ASN B 227 -19.38 6.96 14.38
CA ASN B 227 -20.79 7.11 14.19
C ASN B 227 -21.09 8.10 13.14
N LEU B 228 -20.29 9.15 13.05
CA LEU B 228 -20.47 10.18 12.06
C LEU B 228 -20.26 9.64 10.65
N LEU B 229 -19.17 8.91 10.45
CA LEU B 229 -18.87 8.31 9.15
C LEU B 229 -19.97 7.34 8.77
N ASP B 230 -20.51 6.63 9.76
CA ASP B 230 -21.64 5.74 9.54
C ASP B 230 -22.90 6.52 9.24
N PHE B 231 -23.06 7.66 9.91
CA PHE B 231 -24.20 8.54 9.72
C PHE B 231 -24.21 9.14 8.31
N ILE B 232 -23.04 9.59 7.86
CA ILE B 232 -22.92 10.21 6.54
C ILE B 232 -23.15 9.20 5.42
N LYS B 233 -22.63 7.99 5.58
CA LYS B 233 -22.75 6.94 4.57
C LYS B 233 -24.21 6.57 4.28
N HIS B 234 -25.06 6.70 5.29
CA HIS B 234 -26.44 6.27 5.15
C HIS B 234 -27.36 7.38 4.65
N ASN B 235 -26.83 8.60 4.56
CA ASN B 235 -27.65 9.74 4.18
C ASN B 235 -27.08 10.57 3.02
N GLN B 236 -25.92 10.18 2.52
CA GLN B 236 -25.28 10.91 1.42
C GLN B 236 -25.84 10.48 0.07
N LEU B 237 -26.72 9.49 0.05
CA LEU B 237 -27.21 9.01 -1.21
C LEU B 237 -28.70 9.05 -1.21
N PRO B 238 -29.31 9.30 -2.35
CA PRO B 238 -30.76 9.42 -2.52
C PRO B 238 -31.42 8.04 -2.55
N LEU B 239 -32.74 8.00 -2.40
CA LEU B 239 -33.47 6.73 -2.49
C LEU B 239 -33.27 6.14 -3.88
N VAL B 240 -33.71 6.89 -4.89
CA VAL B 240 -33.50 6.51 -6.27
C VAL B 240 -32.65 7.58 -6.95
N ILE B 241 -31.83 7.14 -7.90
CA ILE B 241 -30.88 8.01 -8.53
C ILE B 241 -30.99 8.15 -10.07
N GLU B 242 -30.96 9.36 -10.60
CA GLU B 242 -30.97 9.50 -12.03
C GLU B 242 -29.75 8.81 -12.56
N PHE B 243 -29.97 7.90 -13.48
CA PHE B 243 -28.88 7.20 -14.14
C PHE B 243 -28.27 8.03 -15.27
N THR B 244 -26.96 8.19 -15.26
CA THR B 244 -26.27 8.79 -16.38
C THR B 244 -25.05 7.98 -16.62
N GLU B 245 -24.64 7.87 -17.87
CA GLU B 245 -23.50 7.03 -18.28
C GLU B 245 -22.18 7.38 -17.58
N GLN B 246 -22.07 8.62 -17.13
CA GLN B 246 -20.84 9.05 -16.46
C GLN B 246 -20.82 8.66 -14.99
N THR B 247 -22.00 8.51 -14.40
CA THR B 247 -22.13 8.13 -13.01
C THR B 247 -22.11 6.64 -12.82
N ALA B 248 -22.20 5.93 -13.94
CA ALA B 248 -22.17 4.47 -13.96
C ALA B 248 -21.01 3.84 -13.18
N PRO B 249 -19.79 4.39 -13.30
CA PRO B 249 -18.74 3.86 -12.42
C PRO B 249 -19.00 4.12 -10.94
N LYS B 250 -19.40 5.35 -10.60
CA LYS B 250 -19.60 5.72 -9.21
C LYS B 250 -20.83 5.05 -8.60
N ILE B 251 -21.79 4.69 -9.45
CA ILE B 251 -22.99 4.05 -8.97
C ILE B 251 -22.75 2.58 -8.66
N PHE B 252 -22.39 1.82 -9.69
CA PHE B 252 -22.16 0.40 -9.51
C PHE B 252 -20.86 0.13 -8.75
N THR B 258 -25.71 -5.03 -5.23
CA THR B 258 -27.06 -5.34 -5.68
C THR B 258 -27.82 -4.07 -6.09
N HIS B 259 -28.32 -4.05 -7.31
CA HIS B 259 -29.04 -2.89 -7.84
C HIS B 259 -30.34 -3.30 -8.50
N ILE B 260 -31.31 -2.40 -8.48
CA ILE B 260 -32.55 -2.58 -9.23
C ILE B 260 -32.76 -1.44 -10.22
N LEU B 261 -32.83 -1.77 -11.50
CA LEU B 261 -32.86 -0.77 -12.56
C LEU B 261 -34.25 -0.58 -13.17
N LEU B 262 -34.90 0.51 -12.81
CA LEU B 262 -36.18 0.83 -13.39
C LEU B 262 -36.07 1.63 -14.68
N PHE B 263 -36.38 0.99 -15.79
CA PHE B 263 -36.28 1.64 -17.08
C PHE B 263 -37.56 2.41 -17.39
N LEU B 264 -37.66 3.62 -16.86
CA LEU B 264 -38.88 4.40 -16.99
C LEU B 264 -38.75 5.55 -18.00
N PRO B 265 -39.54 5.48 -19.09
CA PRO B 265 -39.61 6.58 -20.05
C PRO B 265 -40.40 7.74 -19.47
N LYS B 266 -40.08 8.95 -19.88
CA LYS B 266 -40.80 10.05 -19.35
C LYS B 266 -42.11 10.26 -20.10
N SER B 267 -42.21 9.74 -21.32
CA SER B 267 -43.43 9.84 -22.11
C SER B 267 -44.58 9.12 -21.42
N VAL B 268 -44.25 8.24 -20.51
CA VAL B 268 -45.23 7.37 -19.92
C VAL B 268 -46.28 8.11 -19.15
N SER B 269 -47.43 7.49 -18.98
CA SER B 269 -48.46 8.09 -18.15
C SER B 269 -48.17 7.77 -16.69
N ASP B 270 -48.62 8.63 -15.80
CA ASP B 270 -48.37 8.44 -14.37
C ASP B 270 -46.93 8.21 -14.16
N TYR B 271 -46.10 9.08 -14.71
CA TYR B 271 -44.70 9.02 -14.48
C TYR B 271 -44.42 9.31 -13.02
N ASP B 272 -44.97 10.41 -12.56
CA ASP B 272 -44.67 10.87 -11.24
C ASP B 272 -45.17 9.84 -10.28
N GLY B 273 -46.35 9.35 -10.57
CA GLY B 273 -47.04 8.37 -9.76
C GLY B 273 -46.26 7.07 -9.67
N LYS B 274 -45.67 6.70 -10.77
CA LYS B 274 -44.99 5.45 -10.91
C LYS B 274 -43.63 5.48 -10.27
N LEU B 275 -42.96 6.60 -10.44
CA LEU B 275 -41.65 6.84 -9.85
C LEU B 275 -41.78 7.08 -8.35
N SER B 276 -42.94 7.50 -7.92
CA SER B 276 -43.17 7.65 -6.51
C SER B 276 -43.24 6.30 -5.89
N ASN B 277 -43.93 5.37 -6.51
CA ASN B 277 -44.01 4.01 -6.01
C ASN B 277 -42.64 3.33 -5.96
N PHE B 278 -41.76 3.75 -6.86
CA PHE B 278 -40.42 3.19 -6.96
C PHE B 278 -39.54 3.59 -5.78
N LYS B 279 -39.80 4.77 -5.21
CA LYS B 279 -39.00 5.25 -4.08
C LYS B 279 -39.43 4.62 -2.77
N THR B 280 -40.72 4.47 -2.58
CA THR B 280 -41.26 3.90 -1.34
C THR B 280 -40.93 2.41 -1.23
N ALA B 281 -40.43 1.85 -2.32
CA ALA B 281 -39.91 0.49 -2.33
C ALA B 281 -38.45 0.52 -1.95
N ALA B 282 -37.74 1.55 -2.43
CA ALA B 282 -36.37 1.81 -2.02
C ALA B 282 -36.33 2.13 -0.54
N GLU B 283 -37.48 2.55 -0.01
CA GLU B 283 -37.62 2.91 1.39
C GLU B 283 -37.46 1.71 2.32
N SER B 284 -37.36 0.53 1.74
CA SER B 284 -37.34 -0.70 2.53
C SER B 284 -36.13 -1.60 2.24
N PHE B 285 -35.27 -1.19 1.31
CA PHE B 285 -34.09 -1.98 0.99
C PHE B 285 -32.85 -1.10 0.97
N LYS B 286 -32.89 -0.03 1.75
CA LYS B 286 -31.81 0.96 1.79
C LYS B 286 -30.52 0.34 2.31
N GLY B 287 -29.45 0.43 1.52
CA GLY B 287 -28.16 -0.11 1.90
C GLY B 287 -27.92 -1.51 1.38
N LYS B 288 -29.00 -2.25 1.15
CA LYS B 288 -28.89 -3.62 0.66
C LYS B 288 -29.01 -3.66 -0.86
N ILE B 289 -29.92 -2.85 -1.41
CA ILE B 289 -30.15 -2.75 -2.85
C ILE B 289 -30.19 -1.30 -3.29
N LEU B 290 -29.44 -0.96 -4.30
CA LEU B 290 -29.41 0.41 -4.80
C LEU B 290 -30.46 0.61 -5.90
N PHE B 291 -31.44 1.47 -5.63
CA PHE B 291 -32.51 1.73 -6.57
C PHE B 291 -32.12 2.79 -7.60
N ILE B 292 -32.14 2.40 -8.87
CA ILE B 292 -31.78 3.29 -9.96
C ILE B 292 -32.91 3.36 -10.97
N PHE B 293 -33.12 4.53 -11.58
CA PHE B 293 -34.07 4.65 -12.67
C PHE B 293 -33.45 5.24 -13.92
N ILE B 294 -33.82 4.75 -15.08
CA ILE B 294 -33.22 5.13 -16.35
C ILE B 294 -34.26 5.70 -17.27
N ASP B 295 -34.06 6.92 -17.76
CA ASP B 295 -34.92 7.49 -18.78
C ASP B 295 -34.63 6.74 -20.03
N SER B 296 -35.54 5.87 -20.40
CA SER B 296 -35.42 5.09 -21.63
C SER B 296 -35.76 5.91 -22.86
N ASP B 297 -36.52 6.99 -22.66
CA ASP B 297 -36.83 7.91 -23.74
C ASP B 297 -35.57 8.60 -24.25
N HIS B 298 -34.63 8.83 -23.34
CA HIS B 298 -33.42 9.57 -23.65
C HIS B 298 -32.50 8.79 -24.59
N THR B 299 -31.57 9.49 -25.22
CA THR B 299 -30.67 8.89 -26.21
C THR B 299 -29.39 8.36 -25.58
N ASP B 300 -28.99 8.95 -24.47
CA ASP B 300 -27.73 8.55 -23.89
C ASP B 300 -27.94 7.25 -23.16
N ASN B 301 -29.19 6.90 -22.95
CA ASN B 301 -29.55 5.69 -22.21
C ASN B 301 -29.93 4.54 -23.14
N GLN B 302 -29.04 4.18 -24.02
CA GLN B 302 -29.30 3.04 -24.85
C GLN B 302 -28.21 2.03 -24.68
N ARG B 303 -26.99 2.49 -24.46
CA ARG B 303 -25.86 1.60 -24.21
C ARG B 303 -26.19 0.63 -23.11
N ILE B 304 -27.16 0.98 -22.30
CA ILE B 304 -27.55 0.12 -21.22
C ILE B 304 -28.79 -0.62 -21.61
N LEU B 305 -29.64 0.03 -22.40
CA LEU B 305 -30.85 -0.61 -22.90
C LEU B 305 -30.48 -1.83 -23.74
N GLU B 306 -29.44 -1.70 -24.55
CA GLU B 306 -28.95 -2.80 -25.37
C GLU B 306 -28.24 -3.85 -24.53
N PHE B 307 -27.56 -3.39 -23.48
CA PHE B 307 -26.85 -4.29 -22.58
C PHE B 307 -27.81 -5.22 -21.85
N PHE B 308 -29.06 -4.79 -21.73
CA PHE B 308 -30.09 -5.60 -21.08
C PHE B 308 -31.07 -6.20 -22.08
N GLY B 309 -30.74 -6.13 -23.35
CA GLY B 309 -31.57 -6.67 -24.40
C GLY B 309 -32.92 -6.00 -24.51
N LEU B 310 -33.00 -4.77 -24.02
CA LEU B 310 -34.25 -4.03 -24.04
C LEU B 310 -34.25 -3.00 -25.16
N LYS B 311 -35.44 -2.74 -25.68
CA LYS B 311 -35.61 -1.67 -26.63
C LYS B 311 -36.68 -0.74 -26.06
N LYS B 312 -36.81 0.47 -26.58
CA LYS B 312 -37.68 1.43 -25.93
C LYS B 312 -39.10 1.02 -25.85
N GLU B 313 -39.52 0.16 -26.74
CA GLU B 313 -40.92 -0.15 -26.86
C GLU B 313 -41.37 -0.99 -25.73
N GLU B 314 -40.42 -1.69 -25.14
CA GLU B 314 -40.70 -2.63 -24.09
C GLU B 314 -40.80 -1.96 -22.74
N CYS B 315 -40.21 -0.79 -22.63
CA CYS B 315 -40.26 -0.01 -21.39
C CYS B 315 -41.66 0.53 -21.17
N PRO B 316 -42.05 0.76 -19.90
CA PRO B 316 -41.29 0.63 -18.64
C PRO B 316 -40.94 -0.81 -18.26
N ALA B 317 -39.69 -1.02 -17.83
CA ALA B 317 -39.22 -2.34 -17.45
C ALA B 317 -38.23 -2.26 -16.29
N VAL B 318 -37.93 -3.41 -15.70
CA VAL B 318 -37.13 -3.50 -14.48
C VAL B 318 -36.17 -4.63 -14.49
N ARG B 319 -34.90 -4.36 -14.22
CA ARG B 319 -33.96 -5.43 -14.06
C ARG B 319 -33.21 -5.29 -12.78
N LEU B 320 -33.09 -6.37 -12.05
CA LEU B 320 -32.31 -6.40 -10.82
C LEU B 320 -31.02 -7.17 -11.04
N ILE B 321 -29.89 -6.47 -11.07
CA ILE B 321 -28.59 -7.10 -11.23
C ILE B 321 -27.83 -7.24 -9.92
N THR B 322 -26.74 -7.98 -10.02
CA THR B 322 -25.83 -8.22 -8.92
C THR B 322 -24.42 -8.37 -9.46
N MET B 327 -21.56 -11.73 -12.13
CA MET B 327 -22.52 -10.72 -12.56
C MET B 327 -23.76 -11.39 -13.07
N THR B 328 -24.89 -11.02 -12.50
CA THR B 328 -26.11 -11.80 -12.72
C THR B 328 -27.38 -10.93 -12.74
N LYS B 329 -28.10 -10.95 -13.87
CA LYS B 329 -29.26 -10.08 -14.04
C LYS B 329 -30.58 -10.80 -13.76
N TYR B 330 -31.46 -10.18 -13.00
CA TYR B 330 -32.73 -10.80 -12.74
C TYR B 330 -33.90 -9.98 -13.27
N LYS B 331 -35.10 -10.51 -13.18
CA LYS B 331 -36.20 -9.84 -13.80
C LYS B 331 -37.52 -10.29 -13.22
N PRO B 332 -38.40 -9.35 -12.94
CA PRO B 332 -39.66 -9.63 -12.22
C PRO B 332 -40.64 -10.46 -13.04
N GLU B 333 -41.72 -10.88 -12.41
CA GLU B 333 -42.73 -11.67 -13.09
C GLU B 333 -43.78 -10.77 -13.71
N SER B 334 -44.28 -9.82 -12.93
CA SER B 334 -45.35 -8.94 -13.38
C SER B 334 -44.82 -7.64 -13.97
N GLU B 335 -45.73 -6.85 -14.55
CA GLU B 335 -45.38 -5.58 -15.16
C GLU B 335 -45.90 -4.43 -14.31
N GLU B 336 -46.81 -4.74 -13.38
CA GLU B 336 -47.37 -3.73 -12.50
C GLU B 336 -46.26 -2.99 -11.75
N LEU B 337 -46.39 -1.68 -11.64
CA LEU B 337 -45.37 -0.88 -10.98
C LEU B 337 -45.80 -0.31 -9.64
N THR B 338 -46.60 -1.07 -8.89
CA THR B 338 -46.97 -0.64 -7.56
C THR B 338 -45.78 -0.79 -6.63
N ALA B 339 -45.85 -0.12 -5.49
CA ALA B 339 -44.80 -0.22 -4.50
C ALA B 339 -44.75 -1.62 -3.90
N GLU B 340 -45.91 -2.25 -3.81
CA GLU B 340 -46.04 -3.57 -3.17
C GLU B 340 -45.42 -4.70 -3.98
N ARG B 341 -45.48 -4.58 -5.31
CA ARG B 341 -44.98 -5.64 -6.18
C ARG B 341 -43.49 -5.49 -6.46
N ILE B 342 -43.03 -4.25 -6.55
CA ILE B 342 -41.61 -3.98 -6.68
C ILE B 342 -40.92 -4.39 -5.39
N THR B 343 -41.57 -4.14 -4.27
CA THR B 343 -41.05 -4.56 -2.97
C THR B 343 -41.01 -6.08 -2.88
N GLU B 344 -42.11 -6.72 -3.24
CA GLU B 344 -42.20 -8.17 -3.19
C GLU B 344 -41.16 -8.83 -4.09
N PHE B 345 -41.02 -8.30 -5.31
CA PHE B 345 -40.03 -8.82 -6.25
C PHE B 345 -38.62 -8.77 -5.68
N CYS B 346 -38.29 -7.68 -5.00
CA CYS B 346 -36.99 -7.54 -4.38
C CYS B 346 -36.81 -8.58 -3.28
N HIS B 347 -37.89 -8.84 -2.56
CA HIS B 347 -37.89 -9.87 -1.52
C HIS B 347 -37.70 -11.24 -2.12
N ARG B 348 -38.59 -11.58 -3.05
CA ARG B 348 -38.57 -12.89 -3.70
C ARG B 348 -37.23 -13.18 -4.35
N PHE B 349 -36.53 -12.12 -4.75
CA PHE B 349 -35.17 -12.27 -5.23
C PHE B 349 -34.25 -12.70 -4.09
N LEU B 350 -34.27 -11.95 -2.98
CA LEU B 350 -33.43 -12.24 -1.83
C LEU B 350 -33.57 -13.66 -1.30
N GLU B 351 -34.70 -14.27 -1.58
CA GLU B 351 -35.02 -15.59 -1.08
C GLU B 351 -34.78 -16.66 -2.12
N GLY B 352 -34.35 -16.25 -3.29
CA GLY B 352 -33.99 -17.16 -4.36
C GLY B 352 -35.16 -17.60 -5.21
N LYS B 353 -36.35 -17.07 -4.94
CA LYS B 353 -37.54 -17.44 -5.69
C LYS B 353 -37.42 -17.03 -7.16
N ILE B 354 -36.74 -15.92 -7.41
CA ILE B 354 -36.48 -15.49 -8.78
C ILE B 354 -35.19 -16.12 -9.29
N LYS B 355 -35.28 -16.81 -10.41
CA LYS B 355 -34.09 -17.36 -11.02
C LYS B 355 -33.50 -16.42 -12.01
N PRO B 356 -32.20 -16.44 -12.15
CA PRO B 356 -31.48 -15.59 -13.07
C PRO B 356 -32.09 -15.50 -14.41
N HIS B 357 -32.06 -14.31 -14.93
CA HIS B 357 -32.56 -14.09 -16.24
C HIS B 357 -31.42 -14.22 -17.22
N LEU B 358 -31.54 -15.17 -18.11
CA LEU B 358 -30.59 -15.34 -19.21
C LEU B 358 -31.21 -14.82 -20.51
N MET B 359 -30.47 -13.99 -21.21
CA MET B 359 -30.92 -13.48 -22.51
C MET B 359 -31.08 -14.64 -23.47
N SER B 360 -32.22 -14.66 -24.18
CA SER B 360 -32.50 -15.65 -25.25
C SER B 360 -33.46 -15.23 -26.32
N GLN B 361 -33.13 -15.62 -27.53
CA GLN B 361 -34.04 -15.39 -28.63
C GLN B 361 -35.29 -16.23 -28.43
N GLU B 362 -36.36 -15.88 -29.13
CA GLU B 362 -37.51 -16.70 -29.03
C GLU B 362 -37.23 -17.90 -29.88
N LEU B 363 -37.59 -19.07 -29.38
CA LEU B 363 -37.30 -20.31 -30.05
C LEU B 363 -38.16 -20.60 -31.24
N PRO B 364 -37.57 -20.55 -32.42
CA PRO B 364 -38.28 -20.71 -33.69
C PRO B 364 -39.04 -22.03 -33.72
N GLU B 365 -40.14 -22.10 -34.47
CA GLU B 365 -40.90 -23.33 -34.60
C GLU B 365 -40.20 -24.29 -35.58
N ASP B 366 -39.28 -23.76 -36.33
CA ASP B 366 -38.62 -24.51 -37.34
C ASP B 366 -37.39 -25.14 -36.70
N TRP B 367 -36.94 -24.56 -35.59
CA TRP B 367 -35.61 -24.75 -34.98
C TRP B 367 -35.03 -26.15 -35.15
N ASP B 368 -35.88 -27.15 -35.39
CA ASP B 368 -35.39 -28.52 -35.54
C ASP B 368 -35.97 -29.25 -36.74
N LYS B 369 -36.37 -28.47 -37.74
CA LYS B 369 -36.97 -29.01 -38.92
C LYS B 369 -36.01 -29.15 -40.07
N GLN B 370 -34.80 -28.75 -39.85
CA GLN B 370 -33.71 -28.86 -40.83
C GLN B 370 -32.54 -29.65 -40.22
N PRO B 371 -31.67 -30.25 -41.07
CA PRO B 371 -30.51 -31.01 -40.57
C PRO B 371 -29.66 -30.28 -39.54
N VAL B 372 -29.53 -28.97 -39.69
CA VAL B 372 -28.81 -28.15 -38.71
C VAL B 372 -29.78 -27.48 -37.76
N LYS B 373 -29.73 -27.87 -36.49
CA LYS B 373 -30.66 -27.40 -35.49
C LYS B 373 -30.32 -26.01 -34.96
N VAL B 374 -31.34 -25.19 -34.78
CA VAL B 374 -31.14 -23.84 -34.25
C VAL B 374 -31.36 -23.82 -32.75
N LEU B 375 -30.34 -23.40 -32.00
CA LEU B 375 -30.42 -23.37 -30.54
C LEU B 375 -30.58 -21.96 -30.01
N VAL B 376 -31.35 -21.84 -28.93
CA VAL B 376 -31.45 -20.58 -28.18
C VAL B 376 -31.11 -20.85 -26.72
N GLY B 377 -31.10 -19.79 -25.91
CA GLY B 377 -30.76 -19.91 -24.51
C GLY B 377 -31.76 -20.73 -23.72
N LYS B 378 -32.97 -20.87 -24.26
CA LYS B 378 -34.04 -21.58 -23.57
C LYS B 378 -33.91 -23.09 -23.71
N ASN B 379 -33.38 -23.56 -24.84
CA ASN B 379 -33.27 -24.99 -25.09
C ASN B 379 -31.90 -25.56 -25.09
N PHE B 380 -30.92 -24.70 -25.17
CA PHE B 380 -29.54 -25.13 -25.31
C PHE B 380 -29.19 -26.27 -24.36
N GLU B 381 -29.41 -26.03 -23.07
CA GLU B 381 -29.10 -27.01 -22.02
C GLU B 381 -29.77 -28.36 -22.30
N ASP B 382 -31.01 -28.30 -22.79
CA ASP B 382 -31.80 -29.50 -23.03
C ASP B 382 -31.28 -30.30 -24.23
N VAL B 383 -30.70 -29.60 -25.20
CA VAL B 383 -30.20 -30.25 -26.41
C VAL B 383 -28.73 -30.60 -26.32
N ALA B 384 -27.90 -29.59 -26.04
CA ALA B 384 -26.45 -29.76 -26.01
C ALA B 384 -25.98 -30.76 -24.94
N PHE B 385 -26.59 -30.71 -23.77
CA PHE B 385 -26.16 -31.57 -22.67
C PHE B 385 -26.99 -32.84 -22.53
N ASP B 386 -27.57 -33.29 -23.64
CA ASP B 386 -28.26 -34.57 -23.67
C ASP B 386 -27.22 -35.69 -23.71
N GLU B 387 -27.26 -36.55 -22.71
CA GLU B 387 -26.29 -37.64 -22.57
C GLU B 387 -26.56 -38.78 -23.54
N LYS B 388 -27.63 -38.66 -24.31
CA LYS B 388 -27.99 -39.67 -25.29
C LYS B 388 -27.52 -39.25 -26.67
N LYS B 389 -27.12 -37.99 -26.80
CA LYS B 389 -26.75 -37.43 -28.10
C LYS B 389 -25.33 -36.85 -28.09
N ASN B 390 -24.64 -36.97 -29.22
CA ASN B 390 -23.39 -36.28 -29.45
C ASN B 390 -23.64 -34.97 -30.19
N VAL B 391 -23.63 -33.86 -29.47
CA VAL B 391 -24.03 -32.58 -30.03
C VAL B 391 -22.85 -31.71 -30.45
N PHE B 392 -22.88 -31.24 -31.69
CA PHE B 392 -21.84 -30.38 -32.22
C PHE B 392 -22.42 -29.00 -32.52
N VAL B 393 -22.07 -28.02 -31.69
CA VAL B 393 -22.67 -26.69 -31.79
C VAL B 393 -21.71 -25.64 -32.33
N GLU B 394 -22.19 -24.82 -33.26
CA GLU B 394 -21.43 -23.69 -33.77
C GLU B 394 -21.95 -22.38 -33.17
N PHE B 395 -21.14 -21.77 -32.31
CA PHE B 395 -21.49 -20.47 -31.74
C PHE B 395 -21.03 -19.37 -32.68
N TYR B 396 -21.97 -18.58 -33.18
CA TYR B 396 -21.69 -17.67 -34.25
C TYR B 396 -22.19 -16.24 -34.07
N ALA B 397 -21.92 -15.38 -35.07
CA ALA B 397 -22.46 -14.04 -35.14
C ALA B 397 -22.70 -13.71 -36.61
N PRO B 398 -23.85 -13.14 -36.90
CA PRO B 398 -24.38 -12.93 -38.24
C PRO B 398 -23.50 -12.11 -39.18
N TRP B 399 -22.56 -11.43 -38.57
CA TRP B 399 -21.75 -10.56 -39.33
C TRP B 399 -20.37 -11.04 -39.49
N CYS B 400 -20.03 -12.20 -38.92
CA CYS B 400 -18.66 -12.70 -38.97
C CYS B 400 -18.35 -13.33 -40.33
N GLY B 401 -17.34 -12.80 -41.00
CA GLY B 401 -16.93 -13.31 -42.30
C GLY B 401 -16.53 -14.77 -42.23
N HIS B 402 -15.86 -15.15 -41.15
CA HIS B 402 -15.44 -16.52 -40.94
C HIS B 402 -16.62 -17.40 -40.75
N CYS B 403 -17.65 -16.87 -40.11
CA CYS B 403 -18.88 -17.62 -39.87
C CYS B 403 -19.65 -17.80 -41.17
N LYS B 404 -19.47 -16.85 -42.08
CA LYS B 404 -20.17 -16.88 -43.36
C LYS B 404 -19.57 -17.93 -44.29
N GLN B 405 -18.25 -17.97 -44.34
CA GLN B 405 -17.54 -18.92 -45.21
C GLN B 405 -17.77 -20.35 -44.73
N LEU B 406 -18.03 -20.49 -43.44
CA LEU B 406 -18.21 -21.79 -42.81
C LEU B 406 -19.66 -22.26 -42.94
N ALA B 407 -20.56 -21.31 -43.15
CA ALA B 407 -22.00 -21.58 -43.21
C ALA B 407 -22.44 -22.70 -44.17
N PRO B 408 -21.99 -22.66 -45.44
CA PRO B 408 -22.43 -23.75 -46.32
C PRO B 408 -21.75 -25.08 -46.00
N ILE B 409 -20.64 -25.04 -45.29
CA ILE B 409 -19.93 -26.25 -44.87
C ILE B 409 -20.61 -26.86 -43.66
N TRP B 410 -21.20 -26.01 -42.85
CA TRP B 410 -21.89 -26.48 -41.66
C TRP B 410 -23.26 -27.07 -42.04
N ASP B 411 -23.84 -26.54 -43.10
CA ASP B 411 -25.12 -27.04 -43.60
C ASP B 411 -24.93 -28.39 -44.28
N LYS B 412 -23.81 -28.61 -44.93
CA LYS B 412 -23.52 -29.89 -45.55
C LYS B 412 -23.11 -30.91 -44.54
N LEU B 413 -22.58 -30.45 -43.43
CA LEU B 413 -22.27 -31.35 -42.33
C LEU B 413 -23.54 -31.90 -41.71
N GLY B 414 -24.59 -31.08 -41.70
CA GLY B 414 -25.87 -31.50 -41.15
C GLY B 414 -26.55 -32.53 -42.02
N GLU B 415 -26.47 -32.34 -43.33
CA GLU B 415 -27.05 -33.27 -44.29
C GLU B 415 -26.45 -34.66 -44.15
N THR B 416 -25.15 -34.72 -43.85
CA THR B 416 -24.43 -35.97 -43.71
C THR B 416 -24.91 -36.74 -42.47
N TYR B 417 -25.34 -36.01 -41.45
CA TYR B 417 -25.77 -36.63 -40.19
C TYR B 417 -27.21 -36.31 -39.81
N LYS B 418 -28.06 -36.06 -40.80
CA LYS B 418 -29.44 -35.70 -40.52
C LYS B 418 -30.30 -36.89 -40.13
N ASP B 419 -29.97 -38.07 -40.64
CA ASP B 419 -30.69 -39.29 -40.31
C ASP B 419 -29.96 -40.06 -39.22
N HIS B 420 -28.93 -39.47 -38.65
CA HIS B 420 -28.13 -40.07 -37.59
C HIS B 420 -28.85 -40.18 -36.29
N GLU B 421 -28.49 -41.15 -35.51
CA GLU B 421 -29.18 -41.41 -34.26
C GLU B 421 -28.66 -40.60 -33.07
N ASN B 422 -27.33 -40.54 -32.92
CA ASN B 422 -26.72 -39.91 -31.76
C ASN B 422 -26.02 -38.59 -32.03
N ILE B 423 -25.81 -38.28 -33.31
CA ILE B 423 -25.13 -37.03 -33.67
C ILE B 423 -26.11 -35.92 -34.02
N VAL B 424 -25.96 -34.78 -33.36
CA VAL B 424 -26.78 -33.60 -33.63
C VAL B 424 -25.92 -32.42 -34.03
N ILE B 425 -26.17 -31.87 -35.20
CA ILE B 425 -25.43 -30.71 -35.67
C ILE B 425 -26.25 -29.44 -35.41
N ALA B 426 -25.77 -28.60 -34.51
CA ALA B 426 -26.51 -27.41 -34.11
C ALA B 426 -25.71 -26.12 -34.24
N LYS B 427 -26.41 -25.00 -34.10
CA LYS B 427 -25.78 -23.68 -34.17
C LYS B 427 -26.55 -22.67 -33.32
N MET B 428 -25.85 -21.67 -32.80
CA MET B 428 -26.47 -20.65 -31.98
C MET B 428 -25.81 -19.28 -32.10
N ASP B 429 -26.63 -18.25 -32.26
CA ASP B 429 -26.16 -16.87 -32.19
C ASP B 429 -25.77 -16.57 -30.75
N SER B 430 -24.50 -16.23 -30.54
CA SER B 430 -24.00 -15.96 -29.20
C SER B 430 -24.00 -14.48 -28.83
N THR B 431 -24.71 -13.68 -29.62
CA THR B 431 -24.89 -12.27 -29.30
C THR B 431 -26.25 -12.06 -28.66
N ALA B 432 -27.26 -12.77 -29.15
CA ALA B 432 -28.61 -12.65 -28.66
C ALA B 432 -28.94 -13.74 -27.65
N ASN B 433 -28.02 -14.66 -27.45
CA ASN B 433 -28.22 -15.80 -26.59
C ASN B 433 -27.11 -15.96 -25.56
N GLU B 434 -27.46 -15.88 -24.29
CA GLU B 434 -26.47 -16.04 -23.22
C GLU B 434 -26.70 -17.35 -22.48
N VAL B 435 -25.64 -18.10 -22.30
CA VAL B 435 -25.72 -19.37 -21.66
C VAL B 435 -24.73 -19.44 -20.53
N GLU B 436 -25.19 -19.95 -19.41
CA GLU B 436 -24.35 -20.01 -18.22
C GLU B 436 -23.29 -21.10 -18.29
N ALA B 437 -23.63 -22.20 -18.97
CA ALA B 437 -22.72 -23.34 -19.07
C ALA B 437 -21.47 -23.02 -19.88
N VAL B 438 -21.64 -22.41 -21.03
CA VAL B 438 -20.53 -22.11 -21.90
C VAL B 438 -20.42 -20.64 -22.18
N LYS B 439 -19.20 -20.22 -22.48
CA LYS B 439 -18.94 -18.82 -22.70
C LYS B 439 -18.13 -18.66 -23.95
N VAL B 440 -18.63 -17.81 -24.81
CA VAL B 440 -17.97 -17.58 -26.09
C VAL B 440 -17.82 -16.09 -26.36
N HIS B 441 -16.61 -15.69 -26.74
CA HIS B 441 -16.32 -14.27 -27.00
C HIS B 441 -15.78 -14.07 -28.41
N SER B 442 -15.34 -15.17 -29.03
CA SER B 442 -14.80 -15.11 -30.39
C SER B 442 -15.58 -16.04 -31.32
N PHE B 443 -15.77 -15.62 -32.56
CA PHE B 443 -16.57 -16.38 -33.51
C PHE B 443 -15.81 -16.67 -34.80
N PRO B 444 -16.02 -17.86 -35.38
CA PRO B 444 -16.89 -18.91 -34.84
C PRO B 444 -16.17 -19.80 -33.84
N THR B 445 -16.92 -20.37 -32.91
CA THR B 445 -16.36 -21.33 -31.96
C THR B 445 -17.12 -22.64 -32.02
N LEU B 446 -16.43 -23.71 -32.43
CA LEU B 446 -17.04 -25.02 -32.55
C LEU B 446 -16.81 -25.87 -31.31
N LYS B 447 -17.88 -26.21 -30.61
CA LYS B 447 -17.79 -27.01 -29.40
C LYS B 447 -18.54 -28.33 -29.51
N PHE B 448 -17.91 -29.40 -29.08
CA PHE B 448 -18.52 -30.73 -29.12
C PHE B 448 -19.00 -31.16 -27.73
N PHE B 449 -20.19 -31.73 -27.69
CA PHE B 449 -20.77 -32.19 -26.43
C PHE B 449 -21.07 -33.68 -26.53
N PRO B 450 -20.08 -34.52 -26.15
CA PRO B 450 -20.19 -35.97 -26.27
C PRO B 450 -21.32 -36.55 -25.42
N ALA B 451 -21.81 -37.73 -25.80
CA ALA B 451 -22.88 -38.39 -25.07
C ALA B 451 -22.38 -38.91 -23.72
N SER B 452 -22.23 -38.01 -22.75
CA SER B 452 -21.76 -38.39 -21.42
C SER B 452 -22.60 -37.74 -20.32
N ALA B 453 -22.61 -38.36 -19.15
CA ALA B 453 -23.42 -37.88 -18.02
C ALA B 453 -22.68 -36.85 -17.15
N ASP B 454 -21.46 -36.53 -17.55
CA ASP B 454 -20.63 -35.61 -16.77
C ASP B 454 -20.56 -34.21 -17.38
N ARG B 455 -21.36 -33.95 -18.40
CA ARG B 455 -21.38 -32.64 -19.04
C ARG B 455 -20.04 -32.23 -19.61
N THR B 456 -19.44 -33.12 -20.38
CA THR B 456 -18.11 -32.84 -20.92
C THR B 456 -18.19 -31.94 -22.15
N VAL B 457 -17.25 -31.02 -22.27
CA VAL B 457 -17.19 -30.10 -23.41
C VAL B 457 -15.84 -30.16 -24.10
N ILE B 458 -15.85 -30.41 -25.41
CA ILE B 458 -14.63 -30.47 -26.20
C ILE B 458 -14.58 -29.36 -27.24
N ASP B 459 -13.50 -28.58 -27.24
CA ASP B 459 -13.30 -27.53 -28.22
C ASP B 459 -12.69 -28.11 -29.50
N TYR B 460 -13.30 -27.80 -30.64
CA TYR B 460 -12.75 -28.23 -31.93
C TYR B 460 -11.87 -27.14 -32.53
N ASN B 461 -10.56 -27.38 -32.53
CA ASN B 461 -9.60 -26.42 -33.06
C ASN B 461 -8.86 -26.95 -34.26
N GLY B 462 -9.50 -27.85 -35.01
CA GLY B 462 -8.90 -28.45 -36.19
C GLY B 462 -9.35 -27.76 -37.47
N GLU B 463 -9.10 -28.41 -38.60
CA GLU B 463 -9.50 -27.89 -39.90
C GLU B 463 -10.98 -27.80 -40.05
N ARG B 464 -11.44 -26.62 -40.45
CA ARG B 464 -12.87 -26.39 -40.62
C ARG B 464 -13.38 -26.93 -41.95
N THR B 465 -13.05 -28.17 -42.27
CA THR B 465 -13.51 -28.80 -43.50
C THR B 465 -14.40 -29.99 -43.19
N LEU B 466 -15.13 -30.45 -44.20
CA LEU B 466 -16.00 -31.61 -44.05
C LEU B 466 -15.17 -32.85 -43.75
N ASP B 467 -13.95 -32.89 -44.17
CA ASP B 467 -13.10 -34.03 -43.92
C ASP B 467 -12.58 -34.05 -42.52
N GLY B 468 -12.40 -32.88 -41.96
CA GLY B 468 -11.95 -32.79 -40.58
C GLY B 468 -13.08 -32.96 -39.57
N PHE B 469 -14.28 -32.51 -39.96
CA PHE B 469 -15.45 -32.61 -39.10
C PHE B 469 -15.84 -34.06 -38.84
N LYS B 470 -15.65 -34.90 -39.85
CA LYS B 470 -16.05 -36.31 -39.75
C LYS B 470 -15.02 -37.15 -39.00
N LYS B 471 -13.74 -36.88 -39.24
CA LYS B 471 -12.67 -37.56 -38.51
C LYS B 471 -12.81 -37.30 -37.02
N PHE B 472 -13.28 -36.10 -36.69
CA PHE B 472 -13.46 -35.69 -35.31
C PHE B 472 -14.70 -36.35 -34.69
N LEU B 473 -15.77 -36.46 -35.48
CA LEU B 473 -17.04 -36.99 -34.98
C LEU B 473 -17.05 -38.51 -34.84
N GLU B 474 -16.47 -39.21 -35.81
CA GLU B 474 -16.47 -40.67 -35.79
C GLU B 474 -15.51 -41.22 -34.74
N SER B 475 -14.59 -40.38 -34.28
CA SER B 475 -13.64 -40.78 -33.24
C SER B 475 -14.15 -40.38 -31.87
N GLY B 476 -15.39 -39.88 -31.82
CA GLY B 476 -15.99 -39.47 -30.57
C GLY B 476 -15.38 -38.20 -29.99
N GLY B 477 -14.60 -37.50 -30.80
CA GLY B 477 -13.95 -36.27 -30.36
C GLY B 477 -12.61 -36.54 -29.71
N GLN B 478 -12.24 -37.82 -29.71
CA GLN B 478 -11.04 -38.36 -29.07
C GLN B 478 -9.84 -38.26 -30.00
N ASP B 479 -10.12 -37.96 -31.23
CA ASP B 479 -9.10 -37.74 -32.24
C ASP B 479 -9.47 -36.60 -33.19
N GLY B 480 -8.65 -35.56 -33.20
CA GLY B 480 -8.90 -34.40 -34.03
C GLY B 480 -8.52 -33.12 -33.33
N ALA B 481 -9.09 -32.01 -33.80
CA ALA B 481 -8.85 -30.68 -33.23
C ALA B 481 -7.37 -30.33 -33.19
#